data_4QRH
#
_entry.id   4QRH
#
_cell.length_a   69.486
_cell.length_b   93.961
_cell.length_c   85.259
_cell.angle_alpha   90.00
_cell.angle_beta   111.09
_cell.angle_gamma   90.00
#
_symmetry.space_group_name_H-M   'P 1 21 1'
#
loop_
_entity.id
_entity.type
_entity.pdbx_description
1 polymer 'Guanylate kinase'
2 non-polymer 'SULFATE ION'
3 non-polymer 'MAGNESIUM ION'
4 non-polymer 'POTASSIUM ION'
5 non-polymer "guanosine 5'-(tetrahydrogen triphosphate) 3'-(trihydrogen diphosphate)"
6 non-polymer 1,2-ETHANEDIOL
7 water water
#
_entity_poly.entity_id   1
_entity_poly.type   'polypeptide(L)'
_entity_poly.pdbx_seq_one_letter_code
;SNAMDNEKGLLIVLSGPSGVGKGTVRKRIFEDPSTSYKYSISMTTRQMREGEVDGVDYFFKTRDAFEALIKDDQFIEYAE
YVGNYYGTPVQYVKDTMDEGHDVFLEIEVEGAKQVRKKFPDALFIFLAPPSLEHLRERLVGRGTESDEKIQSRINEARKE
VEMMNLYDYVVVNDEVELAKNRIQCIVEAEHLKRERVEAKYRKMILEAKK
;
_entity_poly.pdbx_strand_id   A,B,C,D
#
loop_
_chem_comp.id
_chem_comp.type
_chem_comp.name
_chem_comp.formula
0O2 non-polymer 'guanosine 5'-(tetrahydrogen triphosphate) 3'-(trihydrogen diphosphate)' 'C10 H18 N5 O20 P5'
EDO non-polymer 1,2-ETHANEDIOL 'C2 H6 O2'
K non-polymer 'POTASSIUM ION' 'K 1'
MG non-polymer 'MAGNESIUM ION' 'Mg 2'
SO4 non-polymer 'SULFATE ION' 'O4 S -2'
#
# COMPACT_ATOMS: atom_id res chain seq x y z
N ASN A 6 -19.82 -0.82 -24.19
CA ASN A 6 -19.35 -2.01 -23.41
C ASN A 6 -18.57 -1.54 -22.19
N GLU A 7 -17.59 -2.33 -21.74
CA GLU A 7 -16.62 -1.83 -20.78
C GLU A 7 -15.67 -0.88 -21.53
N LYS A 8 -16.15 0.34 -21.77
CA LYS A 8 -15.32 1.42 -22.29
C LYS A 8 -14.33 1.80 -21.20
N GLY A 9 -13.14 2.25 -21.61
CA GLY A 9 -12.20 2.81 -20.68
C GLY A 9 -12.74 4.11 -20.09
N LEU A 10 -12.16 4.52 -18.95
CA LEU A 10 -12.48 5.79 -18.33
C LEU A 10 -11.77 6.92 -19.04
N LEU A 11 -12.42 8.08 -19.08
CA LEU A 11 -11.71 9.33 -19.38
C LEU A 11 -11.37 10.05 -18.08
N ILE A 12 -10.08 10.23 -17.83
CA ILE A 12 -9.60 10.83 -16.60
C ILE A 12 -8.99 12.20 -16.94
N VAL A 13 -9.55 13.24 -16.35
CA VAL A 13 -9.18 14.61 -16.67
C VAL A 13 -8.48 15.24 -15.48
N LEU A 14 -7.21 15.58 -15.68
CA LEU A 14 -6.40 16.17 -14.63
C LEU A 14 -6.11 17.62 -14.95
N SER A 15 -6.44 18.50 -14.02
CA SER A 15 -6.10 19.91 -14.16
C SER A 15 -5.79 20.53 -12.82
N GLY A 16 -5.63 21.85 -12.82
CA GLY A 16 -5.27 22.59 -11.62
C GLY A 16 -4.62 23.88 -12.07
N PRO A 17 -4.35 24.79 -11.13
CA PRO A 17 -3.79 26.10 -11.51
C PRO A 17 -2.43 25.97 -12.17
N SER A 18 -2.08 26.96 -12.99
CA SER A 18 -0.78 26.96 -13.64
C SER A 18 0.32 26.83 -12.59
N GLY A 19 1.30 25.98 -12.89
CA GLY A 19 2.45 25.79 -12.01
C GLY A 19 2.24 24.89 -10.80
N VAL A 20 1.08 24.25 -10.70
CA VAL A 20 0.73 23.41 -9.53
C VAL A 20 1.49 22.07 -9.52
N GLY A 21 2.01 21.67 -10.69
CA GLY A 21 2.81 20.45 -10.84
C GLY A 21 2.03 19.30 -11.44
N LYS A 22 1.02 19.58 -12.25
CA LYS A 22 0.22 18.51 -12.84
C LYS A 22 1.04 17.58 -13.74
N GLY A 23 1.98 18.12 -14.51
CA GLY A 23 2.84 17.31 -15.35
C GLY A 23 3.68 16.33 -14.53
N THR A 24 4.22 16.82 -13.43
CA THR A 24 5.08 16.00 -12.56
C THR A 24 4.27 14.85 -11.95
N VAL A 25 3.08 15.17 -11.45
CA VAL A 25 2.19 14.17 -10.84
C VAL A 25 1.73 13.16 -11.91
N ARG A 26 1.38 13.64 -13.10
CA ARG A 26 0.99 12.73 -14.19
C ARG A 26 2.14 11.78 -14.54
N LYS A 27 3.36 12.30 -14.59
CA LYS A 27 4.51 11.45 -14.88
C LYS A 27 4.68 10.36 -13.82
N ARG A 28 4.52 10.72 -12.55
CA ARG A 28 4.59 9.72 -11.47
C ARG A 28 3.53 8.65 -11.66
N ILE A 29 2.31 9.06 -11.97
CA ILE A 29 1.20 8.12 -12.21
C ILE A 29 1.54 7.15 -13.33
N PHE A 30 2.11 7.66 -14.42
CA PHE A 30 2.48 6.83 -15.56
C PHE A 30 3.69 5.92 -15.32
N GLU A 31 4.47 6.19 -14.27
CA GLU A 31 5.57 5.30 -13.86
C GLU A 31 5.10 4.10 -13.02
N ASP A 32 3.86 4.14 -12.54
CA ASP A 32 3.33 3.10 -11.66
C ASP A 32 2.97 1.84 -12.47
N PRO A 33 3.64 0.70 -12.19
CA PRO A 33 3.40 -0.52 -12.96
C PRO A 33 2.07 -1.21 -12.67
N SER A 34 1.40 -0.81 -11.58
CA SER A 34 0.13 -1.43 -11.19
C SER A 34 -1.05 -1.05 -12.10
N THR A 35 -0.87 0.00 -12.91
CA THR A 35 -1.90 0.48 -13.83
C THR A 35 -1.30 0.73 -15.21
N SER A 36 -2.17 0.82 -16.22
CA SER A 36 -1.77 1.04 -17.60
C SER A 36 -2.70 2.07 -18.22
N TYR A 37 -2.22 3.30 -18.39
CA TYR A 37 -3.03 4.38 -18.94
C TYR A 37 -2.53 4.76 -20.31
N LYS A 38 -3.42 5.34 -21.12
CA LYS A 38 -3.04 6.00 -22.38
C LYS A 38 -3.06 7.52 -22.16
N TYR A 39 -2.26 8.25 -22.93
CA TYR A 39 -2.19 9.71 -22.76
C TYR A 39 -2.60 10.41 -24.03
N SER A 40 -3.55 11.35 -23.93
CA SER A 40 -3.93 12.17 -25.07
C SER A 40 -2.84 13.20 -25.35
N ILE A 41 -2.20 13.09 -26.52
CA ILE A 41 -1.26 14.10 -26.99
C ILE A 41 -2.03 15.25 -27.63
N SER A 42 -1.85 16.45 -27.09
CA SER A 42 -2.60 17.62 -27.55
C SER A 42 -2.05 18.15 -28.88
N MET A 43 -2.89 18.90 -29.57
CA MET A 43 -2.49 19.67 -30.74
CA MET A 43 -2.47 19.65 -30.73
C MET A 43 -2.17 21.09 -30.32
N THR A 44 -1.20 21.71 -30.98
CA THR A 44 -0.89 23.12 -30.72
C THR A 44 -0.51 23.80 -32.00
N THR A 45 -0.64 25.12 -32.00
CA THR A 45 -0.22 25.94 -33.14
C THR A 45 1.07 26.69 -32.86
N ARG A 46 1.65 26.52 -31.67
CA ARG A 46 2.92 27.17 -31.40
C ARG A 46 4.01 26.46 -32.19
N GLN A 47 5.14 27.12 -32.39
CA GLN A 47 6.22 26.52 -33.15
C GLN A 47 6.94 25.45 -32.33
N MET A 48 7.34 24.38 -33.03
CA MET A 48 8.08 23.28 -32.44
C MET A 48 9.45 23.78 -32.01
N ARG A 49 9.84 23.48 -30.78
CA ARG A 49 11.12 23.91 -30.21
C ARG A 49 12.16 22.79 -30.27
N GLU A 50 13.43 23.17 -30.13
CA GLU A 50 14.54 22.20 -30.18
C GLU A 50 14.30 21.03 -29.21
N GLY A 51 14.50 19.81 -29.70
CA GLY A 51 14.31 18.60 -28.90
C GLY A 51 12.93 17.98 -29.02
N GLU A 52 11.95 18.78 -29.45
CA GLU A 52 10.57 18.28 -29.56
C GLU A 52 10.35 17.52 -30.87
N VAL A 53 9.41 16.58 -30.82
CA VAL A 53 9.09 15.73 -31.96
C VAL A 53 7.57 15.75 -32.20
N ASP A 54 7.19 15.93 -33.46
CA ASP A 54 5.78 15.98 -33.86
C ASP A 54 5.11 14.63 -33.61
N GLY A 55 3.97 14.64 -32.92
CA GLY A 55 3.28 13.41 -32.57
C GLY A 55 3.79 12.74 -31.31
N VAL A 56 4.73 13.37 -30.63
CA VAL A 56 5.24 12.88 -29.35
C VAL A 56 4.90 13.90 -28.26
N ASP A 57 5.47 15.09 -28.36
CA ASP A 57 5.26 16.15 -27.40
C ASP A 57 3.90 16.80 -27.61
N TYR A 58 3.67 17.19 -28.86
CA TYR A 58 2.40 17.71 -29.34
C TYR A 58 2.24 17.29 -30.78
N PHE A 59 1.03 17.39 -31.31
CA PHE A 59 0.82 17.45 -32.75
C PHE A 59 0.87 18.92 -33.14
N PHE A 60 1.83 19.30 -33.97
CA PHE A 60 2.05 20.68 -34.34
C PHE A 60 1.34 21.01 -35.65
N LYS A 61 0.44 21.97 -35.61
CA LYS A 61 -0.37 22.34 -36.78
C LYS A 61 -0.36 23.84 -37.00
N THR A 62 -0.77 24.25 -38.19
CA THR A 62 -0.91 25.66 -38.45
C THR A 62 -2.18 26.18 -37.78
N ARG A 63 -2.23 27.49 -37.60
CA ARG A 63 -3.43 28.12 -37.03
C ARG A 63 -4.64 27.87 -37.92
N ASP A 64 -4.49 27.94 -39.24
CA ASP A 64 -5.62 27.66 -40.12
C ASP A 64 -6.10 26.21 -40.03
N ALA A 65 -5.19 25.26 -39.87
CA ALA A 65 -5.58 23.86 -39.68
C ALA A 65 -6.34 23.68 -38.35
N PHE A 66 -5.82 24.28 -37.30
CA PHE A 66 -6.46 24.17 -35.99
C PHE A 66 -7.88 24.72 -36.06
N GLU A 67 -8.04 25.87 -36.73
CA GLU A 67 -9.35 26.51 -36.87
C GLU A 67 -10.31 25.70 -37.76
N ALA A 68 -9.78 25.02 -38.77
CA ALA A 68 -10.60 24.11 -39.58
C ALA A 68 -11.09 22.95 -38.71
N LEU A 69 -10.22 22.44 -37.84
CA LEU A 69 -10.60 21.35 -36.94
C LEU A 69 -11.63 21.81 -35.90
N ILE A 70 -11.50 23.04 -35.40
CA ILE A 70 -12.51 23.61 -34.48
C ILE A 70 -13.87 23.61 -35.18
N LYS A 71 -13.86 24.10 -36.42
CA LYS A 71 -15.07 24.23 -37.22
C LYS A 71 -15.74 22.89 -37.43
N ASP A 72 -14.93 21.83 -37.57
CA ASP A 72 -15.42 20.49 -37.80
C ASP A 72 -15.73 19.73 -36.49
N ASP A 73 -15.72 20.43 -35.36
CA ASP A 73 -16.03 19.83 -34.05
C ASP A 73 -15.08 18.66 -33.70
N GLN A 74 -13.79 18.83 -34.00
CA GLN A 74 -12.80 17.77 -33.81
C GLN A 74 -11.97 17.91 -32.53
N PHE A 75 -12.38 18.81 -31.64
CA PHE A 75 -11.75 18.95 -30.34
C PHE A 75 -12.73 18.71 -29.20
N ILE A 76 -12.28 17.96 -28.20
CA ILE A 76 -13.06 17.78 -26.96
C ILE A 76 -13.01 19.09 -26.19
N GLU A 77 -11.85 19.73 -26.21
CA GLU A 77 -11.67 21.05 -25.62
C GLU A 77 -10.55 21.77 -26.34
N TYR A 78 -10.61 23.09 -26.39
CA TYR A 78 -9.47 23.89 -26.86
C TYR A 78 -9.48 25.25 -26.19
N ALA A 79 -8.32 25.89 -26.24
CA ALA A 79 -8.16 27.24 -25.72
C ALA A 79 -7.02 27.90 -26.47
N GLU A 80 -6.98 29.22 -26.38
CA GLU A 80 -5.91 30.01 -26.96
C GLU A 80 -5.12 30.67 -25.83
N TYR A 81 -3.80 30.49 -25.84
CA TYR A 81 -2.88 31.10 -24.86
C TYR A 81 -1.76 31.83 -25.57
N VAL A 82 -1.64 33.10 -25.27
CA VAL A 82 -0.64 33.98 -25.90
C VAL A 82 -0.53 33.74 -27.41
N GLY A 83 -1.68 33.74 -28.07
CA GLY A 83 -1.74 33.67 -29.52
C GLY A 83 -1.67 32.27 -30.13
N ASN A 84 -1.50 31.24 -29.31
CA ASN A 84 -1.36 29.86 -29.78
C ASN A 84 -2.51 29.01 -29.26
N TYR A 85 -3.11 28.24 -30.17
CA TYR A 85 -4.14 27.27 -29.76
C TYR A 85 -3.51 26.02 -29.18
N TYR A 86 -4.21 25.43 -28.19
CA TYR A 86 -3.92 24.10 -27.68
C TYR A 86 -5.25 23.37 -27.51
N GLY A 87 -5.29 22.09 -27.87
CA GLY A 87 -6.54 21.33 -27.73
C GLY A 87 -6.40 19.81 -27.81
N THR A 88 -7.48 19.14 -27.39
CA THR A 88 -7.56 17.69 -27.33
C THR A 88 -8.34 17.14 -28.52
N PRO A 89 -7.66 16.47 -29.45
CA PRO A 89 -8.34 15.80 -30.56
C PRO A 89 -9.32 14.76 -30.07
N VAL A 90 -10.49 14.72 -30.68
CA VAL A 90 -11.55 13.82 -30.20
C VAL A 90 -11.33 12.36 -30.60
N GLN A 91 -10.85 12.10 -31.82
CA GLN A 91 -10.89 10.73 -32.33
C GLN A 91 -10.00 9.75 -31.55
N TYR A 92 -8.78 10.17 -31.23
CA TYR A 92 -7.87 9.34 -30.45
C TYR A 92 -8.51 8.91 -29.13
N VAL A 93 -9.15 9.86 -28.48
CA VAL A 93 -9.76 9.60 -27.18
C VAL A 93 -10.88 8.59 -27.32
N LYS A 94 -11.80 8.84 -28.26
CA LYS A 94 -12.96 7.95 -28.46
C LYS A 94 -12.51 6.53 -28.83
N ASP A 95 -11.55 6.44 -29.75
CA ASP A 95 -11.07 5.13 -30.21
C ASP A 95 -10.37 4.36 -29.08
N THR A 96 -9.55 5.06 -28.31
CA THR A 96 -8.80 4.44 -27.23
C THR A 96 -9.74 3.97 -26.12
N MET A 97 -10.76 4.77 -25.78
CA MET A 97 -11.74 4.37 -24.78
C MET A 97 -12.54 3.16 -25.25
N ASP A 98 -12.90 3.14 -26.54
CA ASP A 98 -13.64 2.01 -27.14
C ASP A 98 -12.84 0.71 -27.14
N GLU A 99 -11.51 0.81 -27.14
CA GLU A 99 -10.64 -0.36 -27.03
C GLU A 99 -10.52 -0.86 -25.59
N GLY A 100 -11.13 -0.14 -24.65
CA GLY A 100 -11.15 -0.54 -23.24
C GLY A 100 -10.08 0.10 -22.36
N HIS A 101 -9.26 1.00 -22.92
CA HIS A 101 -8.14 1.62 -22.20
C HIS A 101 -8.57 2.90 -21.50
N ASP A 102 -8.12 3.08 -20.26
CA ASP A 102 -8.30 4.36 -19.57
C ASP A 102 -7.36 5.39 -20.18
N VAL A 103 -7.89 6.59 -20.43
CA VAL A 103 -7.12 7.65 -21.04
CA VAL A 103 -7.18 7.68 -21.08
C VAL A 103 -7.09 8.89 -20.15
N PHE A 104 -5.88 9.44 -19.99
CA PHE A 104 -5.66 10.69 -19.25
C PHE A 104 -5.64 11.86 -20.21
N LEU A 105 -6.33 12.92 -19.82
CA LEU A 105 -6.12 14.24 -20.39
C LEU A 105 -5.46 15.10 -19.34
N GLU A 106 -4.52 15.91 -19.77
CA GLU A 106 -3.96 16.97 -18.98
C GLU A 106 -4.40 18.25 -19.67
N ILE A 107 -5.26 19.02 -19.02
CA ILE A 107 -5.82 20.23 -19.63
C ILE A 107 -5.66 21.42 -18.69
N GLU A 108 -5.86 22.61 -19.24
CA GLU A 108 -5.93 23.80 -18.40
C GLU A 108 -7.34 23.92 -17.82
N VAL A 109 -7.41 24.60 -16.68
CA VAL A 109 -8.54 24.50 -15.74
C VAL A 109 -9.91 24.75 -16.32
N GLU A 110 -10.02 25.78 -17.15
CA GLU A 110 -11.32 26.24 -17.62
C GLU A 110 -11.90 25.30 -18.67
N GLY A 111 -11.04 24.45 -19.25
CA GLY A 111 -11.42 23.52 -20.31
C GLY A 111 -12.35 22.41 -19.87
N ALA A 112 -12.51 22.23 -18.56
CA ALA A 112 -13.37 21.19 -18.02
C ALA A 112 -14.82 21.36 -18.45
N LYS A 113 -15.28 22.59 -18.55
CA LYS A 113 -16.66 22.82 -18.98
C LYS A 113 -16.88 22.24 -20.36
N GLN A 114 -15.95 22.50 -21.29
CA GLN A 114 -16.06 21.94 -22.62
C GLN A 114 -16.07 20.42 -22.60
N VAL A 115 -15.17 19.83 -21.81
CA VAL A 115 -15.06 18.37 -21.80
C VAL A 115 -16.35 17.75 -21.25
N ARG A 116 -16.88 18.33 -20.18
CA ARG A 116 -18.04 17.77 -19.49
C ARG A 116 -19.29 17.74 -20.37
N LYS A 117 -19.42 18.73 -21.25
CA LYS A 117 -20.54 18.76 -22.20
C LYS A 117 -20.54 17.52 -23.09
N LYS A 118 -19.35 17.08 -23.52
CA LYS A 118 -19.22 15.92 -24.39
C LYS A 118 -19.05 14.59 -23.65
N PHE A 119 -18.44 14.65 -22.46
CA PHE A 119 -18.16 13.45 -21.67
C PHE A 119 -18.57 13.70 -20.23
N PRO A 120 -19.89 13.79 -19.98
CA PRO A 120 -20.37 14.15 -18.65
C PRO A 120 -20.01 13.16 -17.54
N ASP A 121 -19.70 11.92 -17.90
CA ASP A 121 -19.32 10.89 -16.92
C ASP A 121 -17.80 10.69 -16.81
N ALA A 122 -17.01 11.56 -17.43
CA ALA A 122 -15.56 11.53 -17.24
C ALA A 122 -15.22 11.86 -15.78
N LEU A 123 -14.01 11.49 -15.38
CA LEU A 123 -13.53 11.66 -14.02
C LEU A 123 -12.67 12.91 -13.97
N PHE A 124 -13.17 13.96 -13.32
CA PHE A 124 -12.50 15.26 -13.28
C PHE A 124 -11.76 15.47 -11.96
N ILE A 125 -10.44 15.53 -12.03
CA ILE A 125 -9.61 15.67 -10.82
C ILE A 125 -8.84 16.99 -10.84
N PHE A 126 -9.06 17.79 -9.80
CA PHE A 126 -8.39 19.10 -9.64
C PHE A 126 -7.21 18.93 -8.69
N LEU A 127 -6.03 19.32 -9.16
CA LEU A 127 -4.82 19.28 -8.34
C LEU A 127 -4.60 20.65 -7.70
N ALA A 128 -4.70 20.71 -6.37
CA ALA A 128 -4.59 21.96 -5.63
C ALA A 128 -3.18 22.18 -5.07
N PRO A 129 -2.75 23.46 -4.98
CA PRO A 129 -1.44 23.73 -4.41
C PRO A 129 -1.44 23.59 -2.89
N PRO A 130 -0.31 23.16 -2.31
CA PRO A 130 -0.25 22.94 -0.86
C PRO A 130 -0.39 24.21 -0.03
N SER A 131 -0.19 25.38 -0.64
CA SER A 131 -0.45 26.66 0.03
C SER A 131 -1.89 26.79 0.56
N LEU A 132 -2.84 26.09 -0.06
CA LEU A 132 -4.21 26.05 0.46
C LEU A 132 -4.29 25.34 1.83
N GLU A 133 -3.56 24.24 1.97
CA GLU A 133 -3.54 23.49 3.24
C GLU A 133 -2.70 24.17 4.32
N HIS A 134 -1.68 24.93 3.90
CA HIS A 134 -0.88 25.72 4.84
C HIS A 134 -1.72 26.86 5.43
N LEU A 135 -2.64 27.41 4.63
CA LEU A 135 -3.55 28.45 5.09
C LEU A 135 -4.64 27.83 5.97
N ASN A 155 -6.85 35.80 -0.69
CA ASN A 155 -7.43 36.34 -1.92
C ASN A 155 -7.24 35.42 -3.13
N GLU A 156 -6.02 34.97 -3.35
CA GLU A 156 -5.72 34.05 -4.46
C GLU A 156 -6.37 32.69 -4.22
N ALA A 157 -6.56 32.33 -2.95
CA ALA A 157 -7.27 31.10 -2.60
C ALA A 157 -8.72 31.07 -3.10
N ARG A 158 -9.39 32.22 -3.11
N ARG A 158 -9.39 32.22 -3.13
CA ARG A 158 -10.75 32.31 -3.64
CA ARG A 158 -10.77 32.29 -3.64
C ARG A 158 -10.80 31.90 -5.11
C ARG A 158 -10.83 31.92 -5.11
N LYS A 159 -9.84 32.38 -5.88
CA LYS A 159 -9.76 32.06 -7.31
C LYS A 159 -9.54 30.56 -7.53
N GLU A 160 -8.66 29.98 -6.70
CA GLU A 160 -8.36 28.56 -6.79
C GLU A 160 -9.59 27.72 -6.42
N VAL A 161 -10.30 28.12 -5.37
CA VAL A 161 -11.52 27.41 -4.97
C VAL A 161 -12.61 27.55 -6.03
N GLU A 162 -12.73 28.72 -6.64
CA GLU A 162 -13.68 28.93 -7.73
C GLU A 162 -13.43 27.98 -8.91
N MET A 163 -12.16 27.74 -9.24
CA MET A 163 -11.79 26.80 -10.28
C MET A 163 -12.32 25.38 -10.02
N MET A 164 -12.41 25.01 -8.74
CA MET A 164 -12.77 23.63 -8.35
C MET A 164 -14.18 23.21 -8.69
N ASN A 165 -15.10 24.15 -8.82
CA ASN A 165 -16.52 23.79 -8.97
C ASN A 165 -16.80 22.95 -10.23
N LEU A 166 -15.89 23.01 -11.20
CA LEU A 166 -15.97 22.22 -12.44
C LEU A 166 -15.49 20.77 -12.31
N TYR A 167 -14.98 20.39 -11.13
CA TYR A 167 -14.27 19.12 -10.95
C TYR A 167 -14.99 18.21 -9.94
N ASP A 168 -14.67 16.93 -10.00
CA ASP A 168 -15.31 15.88 -9.18
C ASP A 168 -14.57 15.61 -7.86
N TYR A 169 -13.24 15.73 -7.90
CA TYR A 169 -12.35 15.44 -6.77
C TYR A 169 -11.28 16.51 -6.71
N VAL A 170 -10.76 16.75 -5.51
CA VAL A 170 -9.68 17.70 -5.27
C VAL A 170 -8.57 16.97 -4.53
N VAL A 171 -7.37 17.00 -5.10
CA VAL A 171 -6.18 16.37 -4.53
C VAL A 171 -5.11 17.44 -4.33
N VAL A 172 -4.56 17.53 -3.11
CA VAL A 172 -3.51 18.50 -2.83
C VAL A 172 -2.17 17.91 -3.26
N ASN A 173 -1.38 18.70 -4.00
CA ASN A 173 -0.04 18.29 -4.36
C ASN A 173 0.94 18.72 -3.28
N ASP A 174 0.87 18.04 -2.13
CA ASP A 174 1.81 18.31 -1.03
C ASP A 174 3.14 17.63 -1.33
N GLU A 175 3.06 16.36 -1.71
CA GLU A 175 4.20 15.57 -2.16
C GLU A 175 3.73 14.80 -3.38
N VAL A 176 4.62 14.60 -4.36
CA VAL A 176 4.25 13.94 -5.63
C VAL A 176 3.75 12.51 -5.38
N GLU A 177 4.43 11.81 -4.49
CA GLU A 177 4.07 10.44 -4.19
C GLU A 177 2.66 10.36 -3.60
N LEU A 178 2.34 11.24 -2.65
CA LEU A 178 1.04 11.23 -1.98
C LEU A 178 -0.06 11.59 -2.96
N ALA A 179 0.19 12.61 -3.79
CA ALA A 179 -0.78 13.01 -4.82
C ALA A 179 -1.07 11.86 -5.79
N LYS A 180 -0.02 11.18 -6.23
CA LYS A 180 -0.18 10.03 -7.12
C LYS A 180 -1.03 8.95 -6.46
N ASN A 181 -0.75 8.65 -5.19
CA ASN A 181 -1.51 7.61 -4.49
C ASN A 181 -3.00 7.95 -4.39
N ARG A 182 -3.29 9.21 -4.08
CA ARG A 182 -4.66 9.71 -3.98
C ARG A 182 -5.40 9.57 -5.30
N ILE A 183 -4.75 9.95 -6.38
CA ILE A 183 -5.34 9.83 -7.70
C ILE A 183 -5.56 8.37 -8.10
N GLN A 184 -4.59 7.51 -7.82
CA GLN A 184 -4.74 6.09 -8.12
C GLN A 184 -5.93 5.50 -7.38
N CYS A 185 -6.13 5.95 -6.14
CA CYS A 185 -7.27 5.51 -5.31
CA CYS A 185 -7.26 5.48 -5.37
C CYS A 185 -8.59 6.00 -5.94
N ILE A 186 -8.62 7.26 -6.38
CA ILE A 186 -9.82 7.80 -7.00
C ILE A 186 -10.20 6.99 -8.25
N VAL A 187 -9.20 6.67 -9.07
CA VAL A 187 -9.43 5.91 -10.30
C VAL A 187 -9.87 4.48 -9.96
N GLU A 188 -9.23 3.85 -8.99
CA GLU A 188 -9.64 2.52 -8.55
C GLU A 188 -11.10 2.54 -8.07
N ALA A 189 -11.45 3.55 -7.27
CA ALA A 189 -12.82 3.69 -6.79
C ALA A 189 -13.82 3.86 -7.93
N GLU A 190 -13.43 4.63 -8.95
CA GLU A 190 -14.29 4.82 -10.10
C GLU A 190 -14.58 3.50 -10.82
N HIS A 191 -13.59 2.62 -10.89
CA HIS A 191 -13.78 1.30 -11.50
C HIS A 191 -14.70 0.40 -10.68
N LEU A 192 -14.85 0.71 -9.39
CA LEU A 192 -15.73 -0.05 -8.49
C LEU A 192 -17.14 0.54 -8.36
N LYS A 193 -17.43 1.62 -9.09
CA LYS A 193 -18.75 2.25 -8.99
C LYS A 193 -19.86 1.31 -9.44
N ARG A 194 -20.98 1.37 -8.72
CA ARG A 194 -22.06 0.43 -8.93
C ARG A 194 -22.68 0.53 -10.32
N GLU A 195 -22.91 1.74 -10.81
CA GLU A 195 -23.58 1.91 -12.11
C GLU A 195 -22.78 1.19 -13.18
N ARG A 196 -21.46 1.32 -13.10
CA ARG A 196 -20.53 0.66 -14.01
C ARG A 196 -20.52 -0.85 -13.81
N VAL A 197 -20.41 -1.29 -12.57
CA VAL A 197 -20.35 -2.72 -12.25
C VAL A 197 -21.71 -3.39 -12.52
N GLU A 198 -22.79 -2.69 -12.18
CA GLU A 198 -24.16 -3.16 -12.42
C GLU A 198 -24.41 -3.41 -13.91
N ALA A 199 -24.08 -2.41 -14.74
CA ALA A 199 -24.22 -2.51 -16.20
C ALA A 199 -23.46 -3.71 -16.77
N LYS A 200 -22.27 -3.97 -16.23
CA LYS A 200 -21.43 -5.10 -16.64
C LYS A 200 -22.10 -6.44 -16.40
N TYR A 201 -22.69 -6.60 -15.21
CA TYR A 201 -23.38 -7.84 -14.87
C TYR A 201 -24.74 -7.96 -15.60
N ARG A 202 -25.45 -6.84 -15.73
CA ARG A 202 -26.73 -6.82 -16.45
C ARG A 202 -26.55 -7.22 -17.92
N LYS A 203 -25.57 -6.60 -18.58
CA LYS A 203 -25.29 -6.87 -19.99
C LYS A 203 -24.80 -8.31 -20.22
N MET A 204 -24.10 -8.87 -19.22
CA MET A 204 -23.56 -10.23 -19.31
C MET A 204 -24.62 -11.26 -19.70
N ASP B 5 -21.95 22.85 8.49
CA ASP B 5 -21.44 23.66 9.63
C ASP B 5 -20.09 23.08 10.08
N ASN B 6 -20.05 22.49 11.28
CA ASN B 6 -19.06 21.48 11.62
C ASN B 6 -19.02 20.38 10.55
N GLU B 7 -17.82 19.98 10.12
CA GLU B 7 -17.66 18.90 9.16
C GLU B 7 -18.01 17.55 9.81
N LYS B 8 -19.06 16.91 9.31
CA LYS B 8 -19.47 15.63 9.86
C LYS B 8 -18.66 14.49 9.26
N GLY B 9 -18.47 13.44 10.05
CA GLY B 9 -17.90 12.21 9.52
C GLY B 9 -18.87 11.57 8.55
N LEU B 10 -18.34 10.65 7.73
CA LEU B 10 -19.12 9.93 6.75
C LEU B 10 -19.79 8.76 7.42
N LEU B 11 -20.94 8.36 6.90
CA LEU B 11 -21.58 7.11 7.28
C LEU B 11 -21.28 6.09 6.18
N ILE B 12 -20.57 5.03 6.56
CA ILE B 12 -20.13 4.01 5.63
C ILE B 12 -20.95 2.76 5.90
N VAL B 13 -21.59 2.23 4.87
CA VAL B 13 -22.47 1.06 5.05
C VAL B 13 -21.95 -0.08 4.19
N LEU B 14 -21.52 -1.15 4.83
CA LEU B 14 -21.13 -2.37 4.14
C LEU B 14 -22.25 -3.38 4.22
N SER B 15 -22.80 -3.78 3.07
CA SER B 15 -23.79 -4.85 3.04
C SER B 15 -23.54 -5.77 1.84
N GLY B 16 -24.51 -6.61 1.53
CA GLY B 16 -24.35 -7.62 0.48
C GLY B 16 -25.07 -8.89 0.88
N PRO B 17 -25.12 -9.88 -0.03
CA PRO B 17 -25.92 -11.10 0.22
C PRO B 17 -25.49 -11.93 1.44
N SER B 18 -26.42 -12.73 1.94
CA SER B 18 -26.13 -13.70 2.99
C SER B 18 -24.90 -14.54 2.67
N GLY B 19 -23.98 -14.65 3.62
CA GLY B 19 -22.84 -15.54 3.51
C GLY B 19 -21.70 -15.08 2.62
N VAL B 20 -21.76 -13.83 2.16
CA VAL B 20 -20.71 -13.28 1.27
C VAL B 20 -19.43 -12.97 2.06
N GLY B 21 -19.55 -12.75 3.37
CA GLY B 21 -18.40 -12.52 4.25
C GLY B 21 -18.22 -11.09 4.75
N LYS B 22 -19.33 -10.37 4.91
CA LYS B 22 -19.33 -9.01 5.47
C LYS B 22 -18.64 -8.96 6.82
N GLY B 23 -18.96 -9.93 7.69
CA GLY B 23 -18.38 -9.99 9.02
C GLY B 23 -16.86 -10.12 9.00
N THR B 24 -16.38 -11.05 8.18
CA THR B 24 -14.95 -11.28 8.03
C THR B 24 -14.20 -10.07 7.47
N VAL B 25 -14.78 -9.39 6.48
CA VAL B 25 -14.14 -8.20 5.93
C VAL B 25 -14.15 -7.05 6.94
N ARG B 26 -15.29 -6.82 7.59
CA ARG B 26 -15.35 -5.83 8.65
C ARG B 26 -14.33 -6.11 9.76
N LYS B 27 -14.23 -7.37 10.18
CA LYS B 27 -13.28 -7.73 11.22
C LYS B 27 -11.86 -7.35 10.81
N ARG B 28 -11.48 -7.68 9.58
CA ARG B 28 -10.15 -7.30 9.08
C ARG B 28 -9.95 -5.79 9.03
N ILE B 29 -10.97 -5.05 8.60
CA ILE B 29 -10.89 -3.59 8.57
C ILE B 29 -10.53 -3.03 9.93
N PHE B 30 -11.14 -3.57 10.99
CA PHE B 30 -10.94 -2.98 12.32
C PHE B 30 -9.76 -3.55 13.09
N GLU B 31 -9.10 -4.53 12.49
CA GLU B 31 -7.79 -5.02 12.97
C GLU B 31 -6.63 -4.16 12.43
N ASP B 32 -6.91 -3.35 11.42
CA ASP B 32 -5.91 -2.47 10.81
C ASP B 32 -5.78 -1.18 11.64
N PRO B 33 -4.57 -0.92 12.19
CA PRO B 33 -4.39 0.25 13.05
C PRO B 33 -4.50 1.59 12.30
N SER B 34 -4.37 1.55 10.97
CA SER B 34 -4.55 2.75 10.14
C SER B 34 -6.02 3.05 9.84
N THR B 35 -6.92 2.14 10.18
CA THR B 35 -8.36 2.41 10.04
C THR B 35 -8.80 3.52 10.98
N SER B 36 -9.31 4.60 10.39
CA SER B 36 -9.74 5.78 11.13
C SER B 36 -11.20 5.69 11.62
N TYR B 37 -11.99 4.81 10.99
CA TYR B 37 -13.43 4.76 11.24
C TYR B 37 -13.74 4.23 12.62
N LYS B 38 -14.94 4.56 13.10
CA LYS B 38 -15.51 4.04 14.33
C LYS B 38 -16.56 3.02 13.95
N TYR B 39 -16.52 1.84 14.58
CA TYR B 39 -17.48 0.79 14.29
C TYR B 39 -18.74 0.93 15.14
N SER B 40 -19.89 0.90 14.48
CA SER B 40 -21.16 0.86 15.18
C SER B 40 -21.43 -0.55 15.72
N ILE B 41 -21.46 -0.66 17.04
CA ILE B 41 -21.77 -1.94 17.69
C ILE B 41 -23.30 -2.11 17.69
N SER B 42 -23.78 -3.12 17.00
CA SER B 42 -25.22 -3.36 16.85
C SER B 42 -25.78 -4.00 18.11
N MET B 43 -27.09 -3.87 18.27
CA MET B 43 -27.86 -4.70 19.19
C MET B 43 -28.38 -5.94 18.47
N THR B 44 -28.48 -7.05 19.18
CA THR B 44 -29.12 -8.23 18.66
C THR B 44 -29.82 -8.98 19.78
N THR B 45 -30.82 -9.76 19.39
CA THR B 45 -31.51 -10.65 20.32
C THR B 45 -31.01 -12.10 20.23
N ARG B 46 -30.10 -12.39 19.30
CA ARG B 46 -29.58 -13.77 19.22
C ARG B 46 -28.69 -14.06 20.44
N GLN B 47 -28.53 -15.34 20.74
CA GLN B 47 -27.71 -15.75 21.90
C GLN B 47 -26.24 -15.48 21.63
N MET B 48 -25.53 -15.08 22.69
CA MET B 48 -24.11 -14.84 22.62
C MET B 48 -23.43 -16.18 22.40
N ARG B 49 -22.40 -16.20 21.56
CA ARG B 49 -21.69 -17.40 21.17
C ARG B 49 -20.34 -17.45 21.87
N GLU B 50 -19.74 -18.63 21.94
CA GLU B 50 -18.40 -18.78 22.52
C GLU B 50 -17.44 -17.78 21.87
N GLY B 51 -16.70 -17.06 22.71
CA GLY B 51 -15.72 -16.08 22.23
C GLY B 51 -16.22 -14.65 22.12
N GLU B 52 -17.54 -14.46 22.19
CA GLU B 52 -18.13 -13.13 22.08
C GLU B 52 -18.24 -12.46 23.45
N VAL B 53 -18.21 -11.13 23.44
CA VAL B 53 -18.32 -10.32 24.65
C VAL B 53 -19.37 -9.23 24.45
N ASP B 54 -20.27 -9.11 25.44
CA ASP B 54 -21.32 -8.08 25.45
C ASP B 54 -20.66 -6.69 25.44
N GLY B 55 -21.05 -5.87 24.47
CA GLY B 55 -20.50 -4.53 24.33
C GLY B 55 -19.25 -4.44 23.46
N VAL B 56 -18.83 -5.58 22.90
CA VAL B 56 -17.74 -5.62 21.93
C VAL B 56 -18.28 -6.08 20.58
N ASP B 57 -18.77 -7.31 20.53
CA ASP B 57 -19.30 -7.90 19.31
C ASP B 57 -20.68 -7.30 19.01
N TYR B 58 -21.54 -7.34 20.02
CA TYR B 58 -22.89 -6.79 19.95
C TYR B 58 -23.25 -6.29 21.34
N PHE B 59 -24.33 -5.52 21.43
CA PHE B 59 -25.03 -5.33 22.69
C PHE B 59 -26.15 -6.35 22.66
N PHE B 60 -26.08 -7.35 23.53
CA PHE B 60 -27.07 -8.41 23.55
C PHE B 60 -28.29 -7.98 24.35
N LYS B 61 -29.48 -8.17 23.77
N LYS B 61 -29.48 -8.19 23.77
CA LYS B 61 -30.74 -7.72 24.36
CA LYS B 61 -30.74 -7.72 24.32
C LYS B 61 -31.79 -8.80 24.26
C LYS B 61 -31.80 -8.81 24.25
N THR B 62 -32.81 -8.71 25.11
CA THR B 62 -33.99 -9.56 25.00
C THR B 62 -34.90 -9.06 23.88
N ARG B 63 -35.77 -9.93 23.39
CA ARG B 63 -36.78 -9.55 22.40
CA ARG B 63 -36.78 -9.54 22.41
C ARG B 63 -37.71 -8.45 22.93
N ASP B 64 -38.14 -8.57 24.20
CA ASP B 64 -38.97 -7.53 24.83
C ASP B 64 -38.30 -6.16 24.78
N ALA B 65 -37.04 -6.11 25.18
CA ALA B 65 -36.33 -4.82 25.25
C ALA B 65 -36.09 -4.28 23.85
N PHE B 66 -35.71 -5.17 22.94
CA PHE B 66 -35.49 -4.74 21.55
C PHE B 66 -36.78 -4.16 20.98
N GLU B 67 -37.90 -4.84 21.19
CA GLU B 67 -39.18 -4.36 20.68
C GLU B 67 -39.62 -3.04 21.29
N ALA B 68 -39.33 -2.84 22.58
CA ALA B 68 -39.59 -1.54 23.23
C ALA B 68 -38.73 -0.45 22.59
N LEU B 69 -37.49 -0.79 22.26
CA LEU B 69 -36.59 0.18 21.61
C LEU B 69 -37.06 0.52 20.21
N ILE B 70 -37.58 -0.47 19.48
CA ILE B 70 -38.19 -0.22 18.18
C ILE B 70 -39.33 0.79 18.34
N LYS B 71 -40.24 0.51 19.27
CA LYS B 71 -41.40 1.38 19.48
C LYS B 71 -41.01 2.82 19.82
N ASP B 72 -39.89 2.99 20.53
CA ASP B 72 -39.40 4.32 20.91
C ASP B 72 -38.45 4.95 19.86
N ASP B 73 -38.41 4.37 18.66
CA ASP B 73 -37.64 4.93 17.53
CA ASP B 73 -37.66 4.92 17.52
C ASP B 73 -36.15 5.04 17.84
N GLN B 74 -35.59 4.02 18.48
CA GLN B 74 -34.19 4.08 18.89
C GLN B 74 -33.22 3.37 17.94
N PHE B 75 -33.70 3.01 16.76
CA PHE B 75 -32.82 2.40 15.74
C PHE B 75 -32.83 3.18 14.44
N ILE B 76 -31.64 3.41 13.87
CA ILE B 76 -31.60 3.88 12.47
C ILE B 76 -32.21 2.84 11.55
N GLU B 77 -31.94 1.58 11.87
CA GLU B 77 -32.47 0.44 11.13
C GLU B 77 -32.51 -0.77 12.03
N TYR B 78 -33.46 -1.66 11.79
CA TYR B 78 -33.42 -2.99 12.36
C TYR B 78 -34.00 -3.99 11.38
N ALA B 79 -33.62 -5.25 11.56
CA ALA B 79 -34.13 -6.31 10.72
C ALA B 79 -34.20 -7.59 11.51
N GLU B 80 -34.94 -8.54 10.95
CA GLU B 80 -34.95 -9.91 11.43
C GLU B 80 -34.10 -10.74 10.48
N TYR B 81 -33.17 -11.49 11.04
CA TYR B 81 -32.34 -12.39 10.26
C TYR B 81 -32.34 -13.74 10.98
N VAL B 82 -32.77 -14.79 10.28
CA VAL B 82 -32.82 -16.14 10.83
C VAL B 82 -33.41 -16.14 12.26
N GLY B 83 -34.57 -15.48 12.41
CA GLY B 83 -35.34 -15.50 13.65
C GLY B 83 -34.83 -14.64 14.80
N ASN B 84 -33.93 -13.70 14.52
CA ASN B 84 -33.42 -12.82 15.57
C ASN B 84 -33.38 -11.40 15.08
N TYR B 85 -33.53 -10.46 16.01
CA TYR B 85 -33.43 -9.05 15.68
C TYR B 85 -31.99 -8.60 15.68
N TYR B 86 -31.67 -7.69 14.74
CA TYR B 86 -30.41 -6.98 14.69
C TYR B 86 -30.74 -5.53 14.36
N GLY B 87 -30.02 -4.59 14.98
CA GLY B 87 -30.27 -3.18 14.71
C GLY B 87 -29.16 -2.24 15.11
N THR B 88 -29.16 -1.08 14.45
CA THR B 88 -28.17 -0.03 14.68
C THR B 88 -28.72 1.08 15.60
N PRO B 89 -28.21 1.14 16.84
CA PRO B 89 -28.65 2.20 17.76
C PRO B 89 -28.41 3.60 17.19
N VAL B 90 -29.39 4.48 17.35
CA VAL B 90 -29.30 5.80 16.71
C VAL B 90 -28.26 6.76 17.33
N GLN B 91 -28.20 6.87 18.65
CA GLN B 91 -27.45 7.98 19.24
CA GLN B 91 -27.44 7.96 19.28
C GLN B 91 -25.95 7.88 18.95
N TYR B 92 -25.40 6.68 19.03
CA TYR B 92 -23.97 6.50 18.80
C TYR B 92 -23.56 7.00 17.41
N VAL B 93 -24.35 6.64 16.40
CA VAL B 93 -24.06 7.05 15.01
C VAL B 93 -24.10 8.57 14.89
N LYS B 94 -25.17 9.19 15.37
CA LYS B 94 -25.31 10.65 15.29
C LYS B 94 -24.19 11.37 16.05
N ASP B 95 -23.97 10.99 17.30
CA ASP B 95 -22.93 11.62 18.12
C ASP B 95 -21.54 11.50 17.48
N THR B 96 -21.23 10.32 16.98
CA THR B 96 -19.90 10.05 16.44
C THR B 96 -19.66 10.81 15.13
N MET B 97 -20.65 10.82 14.24
CA MET B 97 -20.56 11.64 13.01
C MET B 97 -20.42 13.13 13.35
N ASP B 98 -21.17 13.59 14.34
CA ASP B 98 -21.13 15.01 14.74
C ASP B 98 -19.77 15.43 15.30
N GLU B 99 -19.05 14.48 15.89
CA GLU B 99 -17.68 14.70 16.36
C GLU B 99 -16.66 14.70 15.23
N GLY B 100 -17.11 14.39 14.01
CA GLY B 100 -16.29 14.45 12.82
C GLY B 100 -15.65 13.12 12.44
N HIS B 101 -16.05 12.03 13.11
CA HIS B 101 -15.49 10.70 12.86
C HIS B 101 -16.37 9.93 11.92
N ASP B 102 -15.76 9.20 10.98
CA ASP B 102 -16.52 8.32 10.09
C ASP B 102 -17.07 7.19 10.92
N VAL B 103 -18.27 6.73 10.58
CA VAL B 103 -18.92 5.62 11.28
C VAL B 103 -19.21 4.52 10.29
N PHE B 104 -18.95 3.28 10.70
CA PHE B 104 -19.03 2.12 9.82
C PHE B 104 -20.10 1.16 10.33
N LEU B 105 -21.04 0.83 9.43
CA LEU B 105 -22.07 -0.18 9.67
C LEU B 105 -21.78 -1.42 8.84
N GLU B 106 -21.87 -2.58 9.48
CA GLU B 106 -21.88 -3.86 8.78
C GLU B 106 -23.20 -4.53 9.07
N ILE B 107 -24.07 -4.57 8.07
CA ILE B 107 -25.48 -4.97 8.25
C ILE B 107 -25.99 -5.75 7.04
N GLU B 108 -27.11 -6.43 7.18
CA GLU B 108 -27.68 -7.16 6.06
C GLU B 108 -28.56 -6.25 5.19
N VAL B 109 -29.01 -6.80 4.05
CA VAL B 109 -29.56 -5.97 2.98
C VAL B 109 -30.87 -5.26 3.33
N GLU B 110 -31.73 -5.86 4.14
CA GLU B 110 -32.99 -5.17 4.49
C GLU B 110 -32.72 -3.94 5.36
N GLY B 111 -31.80 -4.09 6.32
CA GLY B 111 -31.36 -2.96 7.11
C GLY B 111 -30.78 -1.84 6.27
N ALA B 112 -29.97 -2.19 5.28
CA ALA B 112 -29.33 -1.17 4.44
C ALA B 112 -30.37 -0.30 3.71
N LYS B 113 -31.48 -0.90 3.29
CA LYS B 113 -32.57 -0.13 2.65
C LYS B 113 -33.11 0.97 3.56
N GLN B 114 -33.24 0.67 4.85
CA GLN B 114 -33.72 1.65 5.81
C GLN B 114 -32.72 2.78 6.03
N VAL B 115 -31.42 2.44 6.05
CA VAL B 115 -30.39 3.46 6.20
C VAL B 115 -30.39 4.43 5.01
N ARG B 116 -30.57 3.90 3.80
CA ARG B 116 -30.61 4.71 2.59
CA ARG B 116 -30.61 4.72 2.59
C ARG B 116 -31.74 5.74 2.66
N LYS B 117 -32.89 5.29 3.15
CA LYS B 117 -34.06 6.16 3.32
C LYS B 117 -33.77 7.34 4.26
N LYS B 118 -32.98 7.11 5.31
CA LYS B 118 -32.69 8.14 6.31
C LYS B 118 -31.42 8.94 6.02
N PHE B 119 -30.46 8.31 5.36
CA PHE B 119 -29.17 8.92 5.08
C PHE B 119 -28.87 8.71 3.60
N PRO B 120 -29.57 9.45 2.73
CA PRO B 120 -29.40 9.24 1.30
C PRO B 120 -27.99 9.53 0.78
N ASP B 121 -27.23 10.34 1.53
CA ASP B 121 -25.85 10.66 1.14
C ASP B 121 -24.78 9.80 1.85
N ALA B 122 -25.21 8.78 2.58
CA ALA B 122 -24.26 7.79 3.12
C ALA B 122 -23.59 7.02 1.99
N LEU B 123 -22.50 6.36 2.32
CA LEU B 123 -21.67 5.64 1.35
C LEU B 123 -22.05 4.17 1.44
N PHE B 124 -22.70 3.66 0.40
CA PHE B 124 -23.17 2.28 0.35
C PHE B 124 -22.27 1.40 -0.49
N ILE B 125 -21.65 0.43 0.17
CA ILE B 125 -20.74 -0.51 -0.49
C ILE B 125 -21.35 -1.91 -0.44
N PHE B 126 -21.50 -2.51 -1.62
CA PHE B 126 -22.09 -3.84 -1.79
C PHE B 126 -20.97 -4.84 -1.94
N LEU B 127 -20.88 -5.78 -1.00
CA LEU B 127 -19.87 -6.84 -1.03
C LEU B 127 -20.43 -8.02 -1.82
N ALA B 128 -19.83 -8.30 -2.98
CA ALA B 128 -20.35 -9.31 -3.90
C ALA B 128 -19.53 -10.61 -3.83
N PRO B 129 -20.20 -11.76 -4.06
CA PRO B 129 -19.47 -13.03 -4.08
C PRO B 129 -18.64 -13.18 -5.35
N PRO B 130 -17.50 -13.87 -5.26
CA PRO B 130 -16.67 -14.07 -6.46
C PRO B 130 -17.35 -14.95 -7.53
N SER B 131 -18.43 -15.65 -7.16
CA SER B 131 -19.23 -16.40 -8.13
C SER B 131 -19.83 -15.53 -9.24
N LEU B 132 -20.20 -14.29 -8.90
CA LEU B 132 -20.68 -13.34 -9.91
C LEU B 132 -19.60 -13.03 -10.95
N GLU B 133 -18.37 -12.86 -10.47
CA GLU B 133 -17.22 -12.56 -11.33
C GLU B 133 -16.85 -13.76 -12.21
N HIS B 134 -16.88 -14.96 -11.64
CA HIS B 134 -16.43 -16.16 -12.35
C HIS B 134 -17.22 -16.44 -13.63
N LEU B 135 -18.55 -16.27 -13.58
CA LEU B 135 -19.37 -16.30 -14.81
C LEU B 135 -20.77 -15.79 -14.52
N ASN B 155 -30.17 -17.04 -12.65
CA ASN B 155 -31.22 -16.62 -11.71
C ASN B 155 -30.67 -16.13 -10.38
N GLU B 156 -29.68 -16.84 -9.85
CA GLU B 156 -28.97 -16.43 -8.64
C GLU B 156 -28.28 -15.09 -8.87
N ALA B 157 -27.65 -14.94 -10.03
CA ALA B 157 -26.94 -13.71 -10.39
C ALA B 157 -27.89 -12.53 -10.57
N ARG B 158 -29.01 -12.74 -11.27
CA ARG B 158 -29.99 -11.68 -11.53
C ARG B 158 -30.54 -11.09 -10.24
N LYS B 159 -30.84 -11.95 -9.26
CA LYS B 159 -31.34 -11.49 -7.96
C LYS B 159 -30.28 -10.65 -7.24
N GLU B 160 -29.03 -11.11 -7.29
CA GLU B 160 -27.93 -10.38 -6.67
C GLU B 160 -27.72 -9.01 -7.33
N VAL B 161 -27.97 -8.93 -8.64
CA VAL B 161 -27.85 -7.65 -9.37
C VAL B 161 -28.97 -6.68 -9.02
N GLU B 162 -30.19 -7.19 -8.84
CA GLU B 162 -31.31 -6.37 -8.38
C GLU B 162 -31.02 -5.78 -6.99
N MET B 163 -30.33 -6.55 -6.16
CA MET B 163 -30.01 -6.13 -4.80
C MET B 163 -29.04 -4.95 -4.76
N MET B 164 -28.19 -4.83 -5.77
CA MET B 164 -27.18 -3.77 -5.76
C MET B 164 -27.67 -2.40 -6.26
N ASN B 165 -28.94 -2.28 -6.68
CA ASN B 165 -29.41 -1.05 -7.33
CA ASN B 165 -29.42 -1.06 -7.32
C ASN B 165 -29.22 0.23 -6.50
N LEU B 166 -29.49 0.17 -5.20
CA LEU B 166 -29.34 1.37 -4.35
C LEU B 166 -27.89 1.70 -3.97
N TYR B 167 -26.93 0.85 -4.34
CA TYR B 167 -25.58 0.95 -3.82
C TYR B 167 -24.69 1.87 -4.64
N ASP B 168 -23.64 2.37 -4.00
CA ASP B 168 -22.72 3.31 -4.65
C ASP B 168 -21.53 2.59 -5.30
N TYR B 169 -21.04 1.54 -4.64
CA TYR B 169 -19.90 0.77 -5.12
C TYR B 169 -20.12 -0.70 -4.91
N VAL B 170 -19.45 -1.50 -5.73
CA VAL B 170 -19.49 -2.94 -5.61
C VAL B 170 -18.06 -3.45 -5.46
N VAL B 171 -17.83 -4.21 -4.40
CA VAL B 171 -16.52 -4.81 -4.10
C VAL B 171 -16.67 -6.32 -4.05
N VAL B 172 -15.85 -7.02 -4.82
CA VAL B 172 -15.88 -8.49 -4.80
C VAL B 172 -15.03 -9.02 -3.64
N ASN B 173 -15.59 -9.95 -2.87
CA ASN B 173 -14.84 -10.59 -1.82
C ASN B 173 -14.11 -11.80 -2.39
N ASP B 174 -13.10 -11.51 -3.22
CA ASP B 174 -12.19 -12.54 -3.73
C ASP B 174 -11.19 -12.97 -2.66
N GLU B 175 -10.58 -11.98 -2.01
CA GLU B 175 -9.71 -12.22 -0.86
C GLU B 175 -10.00 -11.13 0.16
N VAL B 176 -9.99 -11.49 1.44
CA VAL B 176 -10.34 -10.54 2.52
C VAL B 176 -9.46 -9.31 2.47
N GLU B 177 -8.16 -9.52 2.34
CA GLU B 177 -7.20 -8.42 2.31
C GLU B 177 -7.47 -7.47 1.14
N LEU B 178 -7.83 -8.03 -0.02
CA LEU B 178 -8.10 -7.23 -1.22
C LEU B 178 -9.39 -6.43 -1.09
N ALA B 179 -10.43 -7.06 -0.55
CA ALA B 179 -11.69 -6.36 -0.30
C ALA B 179 -11.50 -5.21 0.68
N LYS B 180 -10.77 -5.44 1.77
CA LYS B 180 -10.45 -4.40 2.75
C LYS B 180 -9.78 -3.21 2.06
N ASN B 181 -8.78 -3.50 1.23
CA ASN B 181 -8.06 -2.42 0.55
C ASN B 181 -8.95 -1.61 -0.39
N ARG B 182 -9.84 -2.28 -1.12
CA ARG B 182 -10.76 -1.61 -2.03
C ARG B 182 -11.69 -0.69 -1.24
N ILE B 183 -12.20 -1.20 -0.12
CA ILE B 183 -13.07 -0.39 0.74
C ILE B 183 -12.34 0.84 1.27
N GLN B 184 -11.11 0.65 1.74
CA GLN B 184 -10.31 1.76 2.26
C GLN B 184 -10.11 2.83 1.19
N CYS B 185 -9.84 2.41 -0.06
N CYS B 185 -9.89 2.39 -0.03
CA CYS B 185 -9.70 3.34 -1.18
CA CYS B 185 -9.70 3.30 -1.13
C CYS B 185 -10.99 4.08 -1.47
C CYS B 185 -10.99 4.06 -1.49
N ILE B 186 -12.12 3.36 -1.46
CA ILE B 186 -13.43 4.00 -1.69
C ILE B 186 -13.68 5.12 -0.69
N VAL B 187 -13.39 4.88 0.59
CA VAL B 187 -13.66 5.87 1.63
C VAL B 187 -12.69 7.03 1.47
N GLU B 188 -11.42 6.73 1.17
CA GLU B 188 -10.43 7.79 0.90
C GLU B 188 -10.89 8.68 -0.24
N ALA B 189 -11.37 8.06 -1.33
CA ALA B 189 -11.85 8.82 -2.49
C ALA B 189 -13.03 9.72 -2.14
N GLU B 190 -13.94 9.21 -1.31
CA GLU B 190 -15.09 10.00 -0.91
C GLU B 190 -14.68 11.23 -0.08
N HIS B 191 -13.60 11.11 0.70
CA HIS B 191 -13.04 12.24 1.44
C HIS B 191 -12.41 13.29 0.53
N LEU B 192 -12.06 12.88 -0.68
CA LEU B 192 -11.46 13.78 -1.67
C LEU B 192 -12.50 14.40 -2.60
N LYS B 193 -13.78 14.08 -2.42
CA LYS B 193 -14.84 14.61 -3.28
C LYS B 193 -14.91 16.12 -3.20
N ARG B 194 -15.11 16.74 -4.35
CA ARG B 194 -14.99 18.18 -4.47
C ARG B 194 -16.03 18.91 -3.64
N GLU B 195 -17.27 18.41 -3.60
CA GLU B 195 -18.33 19.07 -2.84
C GLU B 195 -17.91 19.24 -1.39
N ARG B 196 -17.32 18.18 -0.84
CA ARG B 196 -16.85 18.16 0.53
C ARG B 196 -15.63 19.07 0.71
N VAL B 197 -14.68 18.99 -0.22
CA VAL B 197 -13.45 19.74 -0.11
C VAL B 197 -13.71 21.23 -0.36
N GLU B 198 -14.49 21.52 -1.41
CA GLU B 198 -14.89 22.87 -1.75
C GLU B 198 -15.59 23.56 -0.58
N ALA B 199 -16.46 22.85 0.13
CA ALA B 199 -17.18 23.42 1.28
C ALA B 199 -16.26 23.76 2.45
N LYS B 200 -15.22 22.95 2.66
CA LYS B 200 -14.24 23.21 3.69
C LYS B 200 -13.48 24.51 3.39
N TYR B 201 -13.01 24.65 2.15
CA TYR B 201 -12.20 25.81 1.76
C TYR B 201 -13.04 27.08 1.71
N ARG B 202 -14.26 26.98 1.19
CA ARG B 202 -15.20 28.11 1.17
C ARG B 202 -15.48 28.61 2.58
N LYS B 203 -15.62 27.69 3.52
CA LYS B 203 -15.82 28.02 4.94
C LYS B 203 -14.58 28.65 5.57
N MET B 204 -13.41 28.05 5.34
CA MET B 204 -12.16 28.59 5.86
C MET B 204 -11.99 30.05 5.44
N ILE B 205 -12.17 30.32 4.15
CA ILE B 205 -12.06 31.66 3.58
C ILE B 205 -13.06 32.62 4.19
N LEU B 206 -14.29 32.14 4.39
CA LEU B 206 -15.34 32.97 4.94
C LEU B 206 -15.06 33.32 6.41
N GLU B 207 -14.55 32.36 7.19
CA GLU B 207 -14.35 32.58 8.62
C GLU B 207 -13.03 33.29 8.97
N ALA B 208 -12.17 33.47 7.97
CA ALA B 208 -11.01 34.36 8.10
C ALA B 208 -11.45 35.84 8.12
N LYS B 209 -12.65 36.11 7.60
CA LYS B 209 -13.21 37.46 7.53
C LYS B 209 -14.05 37.79 8.77
N ASN C 6 13.67 -14.83 26.54
CA ASN C 6 12.53 -14.17 25.82
C ASN C 6 12.99 -13.40 24.59
N GLU C 7 12.09 -13.28 23.60
CA GLU C 7 12.40 -12.56 22.37
C GLU C 7 12.42 -11.06 22.64
N LYS C 8 13.54 -10.43 22.34
CA LYS C 8 13.67 -8.99 22.51
C LYS C 8 13.17 -8.26 21.28
N GLY C 9 12.65 -7.06 21.47
CA GLY C 9 12.40 -6.16 20.36
C GLY C 9 13.70 -5.77 19.66
N LEU C 10 13.57 -5.32 18.42
CA LEU C 10 14.71 -4.88 17.65
C LEU C 10 15.14 -3.50 18.12
N LEU C 11 16.44 -3.23 18.00
CA LEU C 11 16.97 -1.87 18.12
C LEU C 11 17.23 -1.33 16.72
N ILE C 12 16.51 -0.29 16.35
CA ILE C 12 16.57 0.28 15.01
C ILE C 12 17.24 1.65 15.08
N VAL C 13 18.30 1.84 14.31
CA VAL C 13 19.11 3.05 14.38
C VAL C 13 19.11 3.71 13.02
N LEU C 14 18.50 4.89 12.96
CA LEU C 14 18.54 5.73 11.78
C LEU C 14 19.55 6.84 11.98
N SER C 15 20.56 6.88 11.11
CA SER C 15 21.49 8.00 11.07
C SER C 15 21.80 8.40 9.63
N GLY C 16 22.83 9.21 9.45
CA GLY C 16 23.20 9.74 8.14
C GLY C 16 23.81 11.13 8.33
N PRO C 17 24.28 11.74 7.23
CA PRO C 17 25.02 13.01 7.32
C PRO C 17 24.20 14.18 7.84
N SER C 18 24.88 15.22 8.33
CA SER C 18 24.18 16.43 8.76
C SER C 18 23.30 17.00 7.65
N GLY C 19 22.09 17.41 8.03
CA GLY C 19 21.17 18.04 7.11
C GLY C 19 20.50 17.13 6.10
N VAL C 20 20.72 15.82 6.20
CA VAL C 20 20.11 14.86 5.25
C VAL C 20 18.58 14.72 5.44
N GLY C 21 18.11 14.95 6.66
CA GLY C 21 16.68 14.90 6.96
C GLY C 21 16.24 13.75 7.86
N LYS C 22 17.15 13.26 8.69
CA LYS C 22 16.82 12.22 9.68
C LYS C 22 15.60 12.60 10.52
N GLY C 23 15.55 13.84 11.01
CA GLY C 23 14.45 14.27 11.85
C GLY C 23 13.11 14.26 11.13
N THR C 24 13.11 14.79 9.90
CA THR C 24 11.91 14.82 9.08
C THR C 24 11.38 13.40 8.78
N VAL C 25 12.27 12.50 8.38
CA VAL C 25 11.89 11.10 8.08
C VAL C 25 11.39 10.40 9.36
N ARG C 26 12.10 10.56 10.47
CA ARG C 26 11.65 9.99 11.74
C ARG C 26 10.27 10.53 12.14
N LYS C 27 10.06 11.84 11.95
CA LYS C 27 8.76 12.43 12.26
C LYS C 27 7.65 11.78 11.42
N ARG C 28 7.90 11.60 10.14
CA ARG C 28 6.92 10.98 9.24
C ARG C 28 6.61 9.55 9.70
N ILE C 29 7.65 8.81 10.11
CA ILE C 29 7.48 7.44 10.58
C ILE C 29 6.52 7.37 11.76
N PHE C 30 6.67 8.27 12.73
CA PHE C 30 5.85 8.22 13.94
C PHE C 30 4.50 8.91 13.81
N GLU C 31 4.30 9.61 12.70
CA GLU C 31 2.95 10.07 12.31
C GLU C 31 2.09 8.94 11.72
N ASP C 32 2.72 7.86 11.27
CA ASP C 32 2.00 6.73 10.67
C ASP C 32 1.43 5.84 11.78
N PRO C 33 0.08 5.70 11.83
CA PRO C 33 -0.52 4.88 12.89
C PRO C 33 -0.20 3.38 12.79
N SER C 34 0.28 2.92 11.65
CA SER C 34 0.69 1.52 11.51
C SER C 34 2.08 1.27 12.09
N THR C 35 2.84 2.33 12.37
CA THR C 35 4.16 2.15 12.98
C THR C 35 4.02 1.59 14.38
N SER C 36 4.64 0.45 14.63
CA SER C 36 4.55 -0.17 15.95
C SER C 36 5.78 0.05 16.83
N TYR C 37 6.82 0.71 16.29
CA TYR C 37 8.04 0.93 17.07
C TYR C 37 7.76 1.93 18.18
N LYS C 38 8.61 1.89 19.20
CA LYS C 38 8.64 2.90 20.23
C LYS C 38 9.81 3.84 19.96
N TYR C 39 9.54 5.15 20.02
CA TYR C 39 10.58 6.13 19.76
C TYR C 39 11.37 6.46 21.03
N SER C 40 12.69 6.38 20.95
CA SER C 40 13.54 6.80 22.05
C SER C 40 13.64 8.33 22.09
N ILE C 41 13.05 8.93 23.12
CA ILE C 41 13.14 10.37 23.28
C ILE C 41 14.52 10.70 23.88
N SER C 42 15.30 11.46 23.14
CA SER C 42 16.67 11.76 23.55
C SER C 42 16.71 12.83 24.62
N MET C 43 17.83 12.88 25.33
CA MET C 43 18.17 14.05 26.15
C MET C 43 19.04 15.00 25.35
N THR C 44 18.90 16.30 25.62
CA THR C 44 19.81 17.29 25.08
C THR C 44 20.02 18.40 26.08
N THR C 45 21.14 19.10 25.93
CA THR C 45 21.40 20.31 26.73
C THR C 45 21.15 21.59 25.93
N ARG C 46 20.78 21.49 24.64
CA ARG C 46 20.42 22.70 23.89
C ARG C 46 19.13 23.32 24.43
N GLN C 47 18.99 24.63 24.19
CA GLN C 47 17.80 25.34 24.62
C GLN C 47 16.58 24.84 23.89
N MET C 48 15.50 24.69 24.64
CA MET C 48 14.20 24.37 24.07
C MET C 48 13.77 25.50 23.15
N ARG C 49 13.21 25.13 22.00
CA ARG C 49 12.82 26.09 20.96
C ARG C 49 11.30 26.22 20.92
N GLU C 50 10.83 27.26 20.23
CA GLU C 50 9.40 27.55 20.13
C GLU C 50 8.61 26.34 19.65
N GLY C 51 7.57 26.00 20.41
CA GLY C 51 6.70 24.90 20.05
C GLY C 51 7.18 23.54 20.52
N GLU C 52 8.35 23.46 21.13
CA GLU C 52 8.86 22.20 21.66
C GLU C 52 8.37 22.02 23.09
N VAL C 53 8.22 20.76 23.49
CA VAL C 53 7.76 20.42 24.84
C VAL C 53 8.74 19.43 25.47
N ASP C 54 9.19 19.77 26.68
CA ASP C 54 10.01 18.89 27.50
C ASP C 54 9.29 17.57 27.74
N GLY C 55 9.96 16.46 27.41
CA GLY C 55 9.40 15.13 27.53
C GLY C 55 8.66 14.63 26.29
N VAL C 56 8.62 15.44 25.24
CA VAL C 56 8.03 15.05 23.97
C VAL C 56 9.08 15.12 22.86
N ASP C 57 9.59 16.31 22.59
CA ASP C 57 10.64 16.48 21.57
C ASP C 57 11.97 15.93 22.08
N TYR C 58 12.33 16.34 23.29
CA TYR C 58 13.53 15.88 24.01
C TYR C 58 13.23 15.94 25.49
N PHE C 59 14.04 15.26 26.29
CA PHE C 59 14.20 15.58 27.69
C PHE C 59 15.31 16.63 27.76
N PHE C 60 14.95 17.87 28.05
CA PHE C 60 15.92 18.97 28.12
C PHE C 60 16.60 18.97 29.48
N LYS C 61 17.93 18.95 29.48
CA LYS C 61 18.71 18.82 30.70
C LYS C 61 19.69 19.95 30.85
N THR C 62 20.06 20.26 32.09
CA THR C 62 21.20 21.15 32.30
C THR C 62 22.47 20.41 31.89
N ARG C 63 23.52 21.16 31.58
CA ARG C 63 24.82 20.55 31.28
C ARG C 63 25.32 19.73 32.48
N ASP C 64 25.12 20.24 33.68
CA ASP C 64 25.57 19.53 34.88
C ASP C 64 24.83 18.19 35.03
N ALA C 65 23.53 18.19 34.75
CA ALA C 65 22.74 16.95 34.85
C ALA C 65 23.14 15.95 33.79
N PHE C 66 23.37 16.42 32.57
CA PHE C 66 23.77 15.54 31.48
C PHE C 66 25.13 14.93 31.81
N GLU C 67 26.06 15.75 32.30
CA GLU C 67 27.40 15.23 32.64
C GLU C 67 27.35 14.24 33.83
N ALA C 68 26.45 14.46 34.77
CA ALA C 68 26.25 13.53 35.89
C ALA C 68 25.76 12.18 35.39
N LEU C 69 24.83 12.22 34.43
CA LEU C 69 24.34 11.01 33.78
C LEU C 69 25.41 10.31 32.95
N ILE C 70 26.31 11.05 32.31
CA ILE C 70 27.47 10.46 31.64
C ILE C 70 28.30 9.70 32.67
N LYS C 71 28.60 10.35 33.78
CA LYS C 71 29.41 9.74 34.83
C LYS C 71 28.77 8.47 35.40
N ASP C 72 27.45 8.46 35.49
CA ASP C 72 26.70 7.30 35.98
C ASP C 72 26.36 6.26 34.91
N ASP C 73 26.97 6.39 33.73
CA ASP C 73 26.84 5.44 32.61
C ASP C 73 25.38 5.20 32.19
N GLN C 74 24.63 6.30 32.06
CA GLN C 74 23.21 6.22 31.77
C GLN C 74 22.84 6.52 30.30
N PHE C 75 23.84 6.49 29.43
CA PHE C 75 23.63 6.68 27.99
C PHE C 75 24.16 5.50 27.19
N ILE C 76 23.35 4.99 26.26
CA ILE C 76 23.85 4.04 25.27
C ILE C 76 24.86 4.75 24.40
N GLU C 77 24.56 6.00 24.07
CA GLU C 77 25.46 6.84 23.33
C GLU C 77 25.20 8.30 23.69
N TYR C 78 26.21 9.12 23.51
CA TYR C 78 26.05 10.58 23.58
C TYR C 78 27.10 11.25 22.71
N ALA C 79 26.79 12.46 22.28
CA ALA C 79 27.68 13.20 21.40
C ALA C 79 27.43 14.68 21.57
N GLU C 80 28.38 15.46 21.08
CA GLU C 80 28.24 16.92 20.97
C GLU C 80 27.87 17.31 19.54
N TYR C 81 26.90 18.18 19.41
CA TYR C 81 26.50 18.70 18.11
C TYR C 81 26.28 20.20 18.27
N VAL C 82 27.03 20.98 17.49
CA VAL C 82 27.06 22.44 17.55
C VAL C 82 26.99 22.96 18.99
N GLY C 83 27.87 22.43 19.83
CA GLY C 83 28.10 22.97 21.17
C GLY C 83 27.26 22.38 22.30
N ASN C 84 26.34 21.48 21.97
CA ASN C 84 25.44 20.90 22.97
C ASN C 84 25.47 19.39 22.97
N TYR C 85 25.19 18.81 24.13
CA TYR C 85 25.11 17.36 24.25
C TYR C 85 23.76 16.85 23.76
N TYR C 86 23.80 15.67 23.14
CA TYR C 86 22.62 14.88 22.80
C TYR C 86 22.91 13.43 23.18
N GLY C 87 21.93 12.70 23.68
CA GLY C 87 22.15 11.30 23.97
C GLY C 87 20.94 10.45 24.22
N THR C 88 21.16 9.14 24.17
CA THR C 88 20.11 8.14 24.28
C THR C 88 20.11 7.50 25.68
N PRO C 89 19.09 7.80 26.51
CA PRO C 89 19.01 7.17 27.84
C PRO C 89 18.92 5.65 27.74
N VAL C 90 19.68 4.96 28.58
CA VAL C 90 19.77 3.51 28.50
C VAL C 90 18.52 2.76 28.98
N GLN C 91 17.90 3.20 30.07
CA GLN C 91 16.84 2.42 30.71
CA GLN C 91 16.84 2.41 30.71
C GLN C 91 15.61 2.23 29.82
N TYR C 92 15.16 3.31 29.20
CA TYR C 92 13.99 3.22 28.33
C TYR C 92 14.20 2.20 27.23
N VAL C 93 15.39 2.21 26.63
CA VAL C 93 15.69 1.30 25.53
C VAL C 93 15.71 -0.15 26.03
N LYS C 94 16.40 -0.39 27.14
CA LYS C 94 16.53 -1.76 27.65
C LYS C 94 15.18 -2.33 28.06
N ASP C 95 14.41 -1.56 28.81
CA ASP C 95 13.08 -1.99 29.29
C ASP C 95 12.12 -2.24 28.13
N THR C 96 12.13 -1.35 27.15
CA THR C 96 11.23 -1.47 26.01
C THR C 96 11.57 -2.69 25.15
N MET C 97 12.86 -2.90 24.88
CA MET C 97 13.29 -4.11 24.15
C MET C 97 12.94 -5.38 24.93
N ASP C 98 13.13 -5.35 26.25
CA ASP C 98 12.79 -6.51 27.11
C ASP C 98 11.30 -6.82 27.10
N GLU C 99 10.48 -5.80 26.93
CA GLU C 99 9.04 -5.97 26.86
C GLU C 99 8.58 -6.51 25.49
N GLY C 100 9.52 -6.67 24.56
CA GLY C 100 9.26 -7.27 23.26
C GLY C 100 9.05 -6.27 22.12
N HIS C 101 9.11 -4.97 22.43
CA HIS C 101 8.81 -3.90 21.46
C HIS C 101 10.08 -3.38 20.79
N ASP C 102 9.98 -3.06 19.50
CA ASP C 102 11.09 -2.44 18.80
C ASP C 102 11.30 -1.02 19.32
N VAL C 103 12.54 -0.60 19.41
CA VAL C 103 12.89 0.77 19.80
C VAL C 103 13.64 1.42 18.65
N PHE C 104 13.32 2.69 18.38
CA PHE C 104 13.87 3.43 17.26
C PHE C 104 14.69 4.62 17.75
N LEU C 105 15.93 4.72 17.28
CA LEU C 105 16.77 5.86 17.54
C LEU C 105 16.96 6.69 16.28
N GLU C 106 16.87 8.00 16.44
CA GLU C 106 17.25 8.92 15.38
C GLU C 106 18.37 9.80 15.94
N ILE C 107 19.58 9.57 15.45
CA ILE C 107 20.79 10.16 16.04
C ILE C 107 21.83 10.49 14.97
N GLU C 108 22.79 11.35 15.30
CA GLU C 108 23.83 11.70 14.36
C GLU C 108 24.95 10.61 14.33
N VAL C 109 25.88 10.74 13.40
CA VAL C 109 26.77 9.64 13.05
C VAL C 109 27.77 9.22 14.14
N GLU C 110 28.22 10.18 14.96
CA GLU C 110 29.15 9.82 16.04
C GLU C 110 28.47 8.96 17.10
N GLY C 111 27.23 9.31 17.44
CA GLY C 111 26.44 8.50 18.35
C GLY C 111 26.21 7.10 17.83
N ALA C 112 25.92 7.00 16.53
CA ALA C 112 25.67 5.69 15.90
C ALA C 112 26.87 4.75 16.05
N LYS C 113 28.09 5.28 15.91
CA LYS C 113 29.31 4.49 16.11
C LYS C 113 29.33 3.85 17.50
N GLN C 114 28.95 4.62 18.52
CA GLN C 114 28.87 4.07 19.88
C GLN C 114 27.81 2.99 20.03
N VAL C 115 26.67 3.15 19.35
CA VAL C 115 25.59 2.17 19.47
C VAL C 115 26.06 0.84 18.87
N ARG C 116 26.77 0.91 17.76
CA ARG C 116 27.26 -0.31 17.10
C ARG C 116 28.21 -1.10 17.98
N LYS C 117 29.08 -0.40 18.70
CA LYS C 117 30.01 -1.05 19.62
C LYS C 117 29.28 -1.83 20.70
N LYS C 118 28.18 -1.27 21.20
CA LYS C 118 27.41 -1.88 22.28
C LYS C 118 26.36 -2.89 21.79
N PHE C 119 25.88 -2.69 20.56
CA PHE C 119 24.81 -3.52 20.01
C PHE C 119 25.22 -3.90 18.59
N PRO C 120 26.16 -4.87 18.48
CA PRO C 120 26.70 -5.22 17.16
C PRO C 120 25.66 -5.75 16.17
N ASP C 121 24.60 -6.37 16.67
CA ASP C 121 23.57 -6.98 15.81
C ASP C 121 22.30 -6.15 15.70
N ALA C 122 22.33 -4.91 16.19
CA ALA C 122 21.23 -3.98 15.97
C ALA C 122 21.09 -3.62 14.49
N LEU C 123 19.98 -3.00 14.14
CA LEU C 123 19.65 -2.65 12.76
C LEU C 123 20.03 -1.21 12.45
N PHE C 124 21.06 -1.03 11.61
CA PHE C 124 21.58 0.31 11.26
C PHE C 124 21.23 0.73 9.85
N ILE C 125 20.43 1.78 9.75
CA ILE C 125 20.00 2.31 8.47
C ILE C 125 20.62 3.69 8.24
N PHE C 126 21.35 3.82 7.13
CA PHE C 126 21.98 5.09 6.70
C PHE C 126 21.06 5.84 5.75
N LEU C 127 20.63 7.03 6.16
CA LEU C 127 19.83 7.89 5.29
C LEU C 127 20.77 8.76 4.46
N ALA C 128 20.68 8.62 3.12
CA ALA C 128 21.59 9.29 2.21
C ALA C 128 20.93 10.44 1.46
N PRO C 129 21.71 11.48 1.13
CA PRO C 129 21.16 12.59 0.35
C PRO C 129 20.91 12.19 -1.10
N PRO C 130 19.89 12.78 -1.75
CA PRO C 130 19.61 12.50 -3.16
C PRO C 130 20.69 13.01 -4.12
N SER C 131 21.53 13.93 -3.66
CA SER C 131 22.59 14.49 -4.50
C SER C 131 23.63 13.47 -4.98
N LEU C 132 23.60 12.26 -4.43
CA LEU C 132 24.53 11.20 -4.84
C LEU C 132 23.97 10.31 -5.94
N GLU C 133 22.72 9.88 -5.79
CA GLU C 133 22.04 9.11 -6.84
C GLU C 133 22.07 9.84 -8.19
N HIS C 134 21.99 11.16 -8.14
CA HIS C 134 22.22 11.99 -9.32
C HIS C 134 23.71 12.29 -9.46
N LEU C 135 24.43 11.33 -10.05
CA LEU C 135 25.86 11.46 -10.33
C LEU C 135 26.64 11.70 -9.04
N ILE C 154 34.65 16.82 -6.18
CA ILE C 154 33.54 16.51 -5.29
C ILE C 154 33.74 15.14 -4.63
N ASN C 155 34.83 15.01 -3.88
CA ASN C 155 35.15 13.75 -3.18
C ASN C 155 34.68 13.75 -1.72
N GLU C 156 33.45 14.19 -1.52
CA GLU C 156 32.72 13.91 -0.30
C GLU C 156 32.37 12.42 -0.35
N ALA C 157 32.07 11.97 -1.57
CA ALA C 157 31.79 10.57 -1.87
C ALA C 157 32.65 9.59 -1.07
N ARG C 158 33.97 9.77 -1.09
CA ARG C 158 34.88 8.89 -0.34
C ARG C 158 34.54 8.89 1.15
N LYS C 159 34.34 10.07 1.71
CA LYS C 159 33.93 10.20 3.12
C LYS C 159 32.51 9.68 3.31
N GLU C 160 31.63 10.02 2.39
CA GLU C 160 30.21 9.66 2.46
C GLU C 160 30.03 8.15 2.36
N VAL C 161 30.70 7.55 1.38
CA VAL C 161 30.70 6.10 1.21
C VAL C 161 31.42 5.44 2.39
N GLU C 162 32.46 6.06 2.92
CA GLU C 162 33.11 5.52 4.12
C GLU C 162 32.22 5.73 5.35
N MET C 163 31.44 6.80 5.34
CA MET C 163 30.48 7.06 6.43
C MET C 163 29.47 5.93 6.53
N MET C 164 29.04 5.42 5.39
CA MET C 164 28.02 4.37 5.35
C MET C 164 28.56 2.94 5.52
N ASN C 165 29.88 2.76 5.58
CA ASN C 165 30.46 1.40 5.66
C ASN C 165 30.02 0.65 6.93
N LEU C 166 29.73 1.41 7.99
CA LEU C 166 29.18 0.87 9.24
C LEU C 166 27.82 0.16 9.10
N TYR C 167 27.01 0.61 8.14
CA TYR C 167 25.56 0.40 8.18
C TYR C 167 25.08 -0.87 7.49
N ASP C 168 23.87 -1.29 7.83
CA ASP C 168 23.25 -2.50 7.26
C ASP C 168 22.50 -2.21 5.98
N TYR C 169 21.81 -1.06 5.94
CA TYR C 169 21.01 -0.65 4.79
C TYR C 169 21.26 0.82 4.49
N VAL C 170 21.05 1.19 3.23
CA VAL C 170 21.13 2.57 2.81
C VAL C 170 19.81 2.95 2.15
N VAL C 171 19.19 4.01 2.67
CA VAL C 171 17.96 4.54 2.13
C VAL C 171 18.26 5.97 1.68
N VAL C 172 17.89 6.29 0.44
CA VAL C 172 18.03 7.66 -0.06
C VAL C 172 16.81 8.48 0.35
N ASN C 173 17.06 9.68 0.86
CA ASN C 173 15.98 10.60 1.15
C ASN C 173 15.68 11.42 -0.11
N ASP C 174 15.22 10.74 -1.15
CA ASP C 174 14.74 11.42 -2.36
C ASP C 174 13.44 12.14 -2.05
N GLU C 175 12.51 11.41 -1.43
CA GLU C 175 11.22 11.92 -1.00
CA GLU C 175 11.22 11.93 -1.00
C GLU C 175 10.89 11.32 0.37
N VAL C 176 10.36 12.14 1.28
CA VAL C 176 10.14 11.70 2.69
C VAL C 176 9.25 10.45 2.78
N GLU C 177 8.14 10.46 2.05
CA GLU C 177 7.23 9.32 2.04
C GLU C 177 7.90 8.04 1.54
N LEU C 178 8.70 8.15 0.49
CA LEU C 178 9.43 7.01 -0.07
C LEU C 178 10.48 6.49 0.91
N ALA C 179 11.12 7.40 1.64
CA ALA C 179 12.14 6.98 2.59
C ALA C 179 11.49 6.24 3.76
N LYS C 180 10.37 6.77 4.27
CA LYS C 180 9.64 6.14 5.36
C LYS C 180 9.24 4.72 4.97
N ASN C 181 8.68 4.56 3.77
CA ASN C 181 8.24 3.24 3.34
C ASN C 181 9.36 2.21 3.20
N ARG C 182 10.50 2.64 2.69
CA ARG C 182 11.69 1.80 2.58
C ARG C 182 12.14 1.33 3.97
N ILE C 183 12.15 2.26 4.93
CA ILE C 183 12.54 1.93 6.30
C ILE C 183 11.57 0.92 6.91
N GLN C 184 10.27 1.15 6.74
CA GLN C 184 9.27 0.22 7.27
C GLN C 184 9.43 -1.18 6.69
N CYS C 185 9.73 -1.27 5.39
CA CYS C 185 10.00 -2.57 4.75
CA CYS C 185 9.97 -2.56 4.79
C CYS C 185 11.25 -3.23 5.34
N ILE C 186 12.32 -2.46 5.50
CA ILE C 186 13.56 -3.01 6.09
C ILE C 186 13.26 -3.63 7.46
N VAL C 187 12.50 -2.93 8.28
CA VAL C 187 12.21 -3.42 9.62
C VAL C 187 11.31 -4.66 9.54
N GLU C 188 10.34 -4.65 8.63
CA GLU C 188 9.52 -5.85 8.42
C GLU C 188 10.35 -7.06 8.01
N ALA C 189 11.27 -6.84 7.07
CA ALA C 189 12.15 -7.90 6.58
C ALA C 189 12.99 -8.44 7.72
N GLU C 190 13.46 -7.54 8.59
CA GLU C 190 14.25 -7.97 9.75
C GLU C 190 13.47 -8.89 10.70
N HIS C 191 12.18 -8.64 10.84
CA HIS C 191 11.32 -9.50 11.65
C HIS C 191 11.12 -10.88 11.02
N LEU C 192 11.33 -10.97 9.71
CA LEU C 192 11.18 -12.24 8.97
C LEU C 192 12.48 -13.03 8.85
N LYS C 193 13.58 -12.49 9.38
CA LYS C 193 14.89 -13.15 9.29
C LYS C 193 14.82 -14.53 9.93
N ARG C 194 15.44 -15.50 9.27
CA ARG C 194 15.32 -16.88 9.68
C ARG C 194 15.84 -17.14 11.09
N GLU C 195 16.98 -16.53 11.43
CA GLU C 195 17.60 -16.74 12.74
C GLU C 195 16.61 -16.38 13.85
N ARG C 196 15.91 -15.26 13.68
CA ARG C 196 14.95 -14.79 14.67
C ARG C 196 13.71 -15.70 14.71
N VAL C 197 13.18 -16.03 13.54
CA VAL C 197 11.99 -16.87 13.46
C VAL C 197 12.28 -18.29 13.94
N GLU C 198 13.45 -18.82 13.57
CA GLU C 198 13.86 -20.18 13.97
C GLU C 198 13.99 -20.27 15.49
N ALA C 199 14.65 -19.28 16.08
CA ALA C 199 14.79 -19.20 17.54
C ALA C 199 13.41 -19.26 18.22
N LYS C 200 12.46 -18.52 17.68
CA LYS C 200 11.08 -18.47 18.21
C LYS C 200 10.38 -19.83 18.19
N TYR C 201 10.49 -20.54 17.06
CA TYR C 201 9.85 -21.84 16.93
C TYR C 201 10.54 -22.92 17.77
N ARG C 202 11.86 -22.85 17.91
CA ARG C 202 12.60 -23.83 18.70
C ARG C 202 12.23 -23.77 20.18
N LYS C 203 12.16 -22.56 20.72
CA LYS C 203 11.78 -22.39 22.13
C LYS C 203 10.33 -22.85 22.35
N MET C 204 9.47 -22.61 21.38
CA MET C 204 8.07 -23.01 21.46
C MET C 204 7.92 -24.53 21.40
N ILE C 205 8.80 -25.20 20.66
CA ILE C 205 8.88 -26.66 20.63
C ILE C 205 9.39 -27.21 21.96
N LEU C 206 10.44 -26.58 22.49
CA LEU C 206 11.03 -27.00 23.77
C LEU C 206 10.07 -26.85 24.95
N GLU C 207 9.12 -25.92 24.85
CA GLU C 207 8.07 -25.78 25.87
C GLU C 207 7.05 -26.91 25.78
N ALA C 208 6.70 -27.30 24.56
CA ALA C 208 5.82 -28.44 24.34
C ALA C 208 6.56 -29.75 24.61
N ASN D 6 27.99 -4.36 -15.17
CA ASN D 6 26.66 -3.90 -14.65
C ASN D 6 26.24 -4.71 -13.41
N GLU D 7 25.23 -4.20 -12.71
CA GLU D 7 24.74 -4.84 -11.51
C GLU D 7 23.89 -6.06 -11.88
N LYS D 8 24.23 -7.22 -11.31
CA LYS D 8 23.47 -8.45 -11.56
C LYS D 8 22.17 -8.43 -10.79
N GLY D 9 21.14 -9.04 -11.38
CA GLY D 9 19.89 -9.25 -10.67
C GLY D 9 20.10 -10.28 -9.57
N LEU D 10 19.21 -10.26 -8.58
CA LEU D 10 19.25 -11.20 -7.47
C LEU D 10 18.65 -12.52 -7.93
N LEU D 11 19.12 -13.62 -7.33
CA LEU D 11 18.47 -14.92 -7.46
C LEU D 11 17.64 -15.15 -6.20
N ILE D 12 16.34 -15.31 -6.38
CA ILE D 12 15.40 -15.40 -5.28
C ILE D 12 14.85 -16.81 -5.29
N VAL D 13 14.95 -17.51 -4.17
CA VAL D 13 14.52 -18.91 -4.10
C VAL D 13 13.42 -19.06 -3.06
N LEU D 14 12.24 -19.47 -3.50
CA LEU D 14 11.15 -19.78 -2.58
C LEU D 14 11.03 -21.29 -2.45
N SER D 15 11.22 -21.78 -1.24
CA SER D 15 11.01 -23.21 -0.99
C SER D 15 10.37 -23.39 0.38
N GLY D 16 10.34 -24.63 0.86
CA GLY D 16 9.70 -24.98 2.12
C GLY D 16 9.03 -26.34 2.00
N PRO D 17 8.32 -26.76 3.07
CA PRO D 17 7.73 -28.10 3.10
C PRO D 17 6.66 -28.38 2.05
N SER D 18 6.51 -29.66 1.69
CA SER D 18 5.45 -30.10 0.80
C SER D 18 4.09 -29.68 1.29
N GLY D 19 3.27 -29.19 0.37
CA GLY D 19 1.87 -28.89 0.65
C GLY D 19 1.64 -27.57 1.33
N VAL D 20 2.69 -26.78 1.52
CA VAL D 20 2.54 -25.48 2.22
C VAL D 20 1.88 -24.44 1.32
N GLY D 21 2.08 -24.54 0.01
CA GLY D 21 1.42 -23.66 -0.95
C GLY D 21 2.36 -22.75 -1.72
N LYS D 22 3.58 -23.22 -1.97
CA LYS D 22 4.55 -22.43 -2.74
C LYS D 22 4.06 -22.07 -4.14
N GLY D 23 3.41 -23.02 -4.80
CA GLY D 23 2.90 -22.80 -6.16
C GLY D 23 1.83 -21.70 -6.16
N THR D 24 0.91 -21.76 -5.21
CA THR D 24 -0.15 -20.76 -5.11
C THR D 24 0.40 -19.36 -4.84
N VAL D 25 1.36 -19.28 -3.92
CA VAL D 25 2.00 -17.98 -3.61
C VAL D 25 2.77 -17.42 -4.81
N ARG D 26 3.59 -18.26 -5.45
CA ARG D 26 4.28 -17.86 -6.68
C ARG D 26 3.30 -17.40 -7.77
N LYS D 27 2.22 -18.14 -7.96
CA LYS D 27 1.21 -17.79 -8.95
C LYS D 27 0.68 -16.38 -8.68
N ARG D 28 0.35 -16.08 -7.43
CA ARG D 28 -0.15 -14.73 -7.09
C ARG D 28 0.90 -13.66 -7.33
N ILE D 29 2.14 -13.95 -6.96
CA ILE D 29 3.26 -13.03 -7.21
C ILE D 29 3.31 -12.60 -8.69
N PHE D 30 3.19 -13.56 -9.60
CA PHE D 30 3.34 -13.26 -11.02
C PHE D 30 2.05 -12.85 -11.73
N GLU D 31 0.95 -12.82 -10.98
CA GLU D 31 -0.29 -12.20 -11.44
C GLU D 31 -0.33 -10.70 -11.13
N ASP D 32 0.58 -10.25 -10.27
CA ASP D 32 0.65 -8.84 -9.84
C ASP D 32 1.51 -8.06 -10.83
N PRO D 33 0.92 -7.05 -11.53
CA PRO D 33 1.68 -6.31 -12.53
C PRO D 33 2.86 -5.49 -11.95
N SER D 34 2.88 -5.23 -10.65
CA SER D 34 3.98 -4.49 -10.02
CA SER D 34 3.99 -4.48 -10.04
C SER D 34 5.19 -5.36 -9.74
N THR D 35 5.02 -6.68 -9.79
CA THR D 35 6.12 -7.58 -9.50
C THR D 35 7.27 -7.34 -10.47
N SER D 36 8.46 -7.17 -9.89
CA SER D 36 9.65 -6.73 -10.59
C SER D 36 10.70 -7.84 -10.70
N TYR D 37 10.27 -9.10 -10.70
CA TYR D 37 11.18 -10.23 -10.94
C TYR D 37 10.68 -10.98 -12.17
N LYS D 38 11.57 -11.79 -12.73
CA LYS D 38 11.21 -12.69 -13.81
C LYS D 38 11.14 -14.11 -13.25
N TYR D 39 10.10 -14.85 -13.64
CA TYR D 39 9.90 -16.21 -13.15
C TYR D 39 10.67 -17.24 -13.99
N SER D 40 11.44 -18.11 -13.31
CA SER D 40 12.10 -19.22 -13.99
C SER D 40 11.08 -20.35 -14.22
N ILE D 41 10.74 -20.57 -15.49
CA ILE D 41 9.83 -21.66 -15.86
C ILE D 41 10.62 -22.96 -15.82
N SER D 42 10.18 -23.87 -14.96
CA SER D 42 10.90 -25.12 -14.77
C SER D 42 10.55 -26.12 -15.85
N MET D 43 11.40 -27.13 -15.96
CA MET D 43 11.10 -28.35 -16.70
C MET D 43 10.60 -29.43 -15.73
N THR D 44 9.67 -30.26 -16.21
CA THR D 44 9.19 -31.39 -15.44
C THR D 44 8.84 -32.53 -16.37
N THR D 45 8.94 -33.75 -15.85
CA THR D 45 8.46 -34.93 -16.57
C THR D 45 7.12 -35.45 -16.09
N ARG D 46 6.47 -34.77 -15.14
CA ARG D 46 5.12 -35.17 -14.77
C ARG D 46 4.15 -34.82 -15.91
N GLN D 47 2.93 -35.36 -15.84
CA GLN D 47 1.93 -35.07 -16.87
C GLN D 47 1.36 -33.68 -16.68
N MET D 48 1.06 -33.03 -17.79
CA MET D 48 0.36 -31.76 -17.77
C MET D 48 -1.06 -31.97 -17.26
N ARG D 49 -1.54 -31.02 -16.46
CA ARG D 49 -2.86 -31.09 -15.85
C ARG D 49 -3.85 -30.16 -16.56
N GLU D 50 -5.14 -30.44 -16.39
CA GLU D 50 -6.19 -29.57 -16.94
C GLU D 50 -5.97 -28.13 -16.46
N GLY D 51 -5.99 -27.20 -17.42
CA GLY D 51 -5.79 -25.79 -17.10
C GLY D 51 -4.37 -25.31 -17.36
N GLU D 52 -3.40 -26.23 -17.29
CA GLU D 52 -2.01 -25.86 -17.56
C GLU D 52 -1.72 -25.75 -19.06
N VAL D 53 -0.70 -24.97 -19.38
CA VAL D 53 -0.26 -24.76 -20.76
C VAL D 53 1.23 -25.02 -20.82
N ASP D 54 1.65 -25.81 -21.81
CA ASP D 54 3.06 -26.13 -22.01
C ASP D 54 3.78 -24.87 -22.43
N GLY D 55 4.87 -24.56 -21.75
CA GLY D 55 5.63 -23.35 -22.02
C GLY D 55 5.22 -22.16 -21.17
N VAL D 56 4.21 -22.33 -20.33
CA VAL D 56 3.77 -21.31 -19.39
C VAL D 56 3.96 -21.82 -17.96
N ASP D 57 3.25 -22.88 -17.61
CA ASP D 57 3.32 -23.44 -16.25
C ASP D 57 4.61 -24.23 -16.03
N TYR D 58 4.96 -25.04 -17.03
CA TYR D 58 6.23 -25.76 -17.09
C TYR D 58 6.59 -25.93 -18.54
N PHE D 59 7.85 -26.27 -18.80
CA PHE D 59 8.25 -26.91 -20.05
C PHE D 59 8.17 -28.39 -19.79
N PHE D 60 7.19 -29.05 -20.39
CA PHE D 60 6.99 -30.47 -20.14
C PHE D 60 7.94 -31.28 -21.02
N LYS D 61 8.60 -32.26 -20.41
CA LYS D 61 9.63 -33.07 -21.06
C LYS D 61 9.38 -34.55 -20.84
N THR D 62 9.92 -35.36 -21.75
CA THR D 62 10.05 -36.79 -21.49
C THR D 62 11.19 -37.04 -20.50
N ARG D 63 11.17 -38.21 -19.86
CA ARG D 63 12.31 -38.59 -19.02
C ARG D 63 13.61 -38.70 -19.81
N ASP D 64 13.54 -39.22 -21.04
CA ASP D 64 14.73 -39.29 -21.89
C ASP D 64 15.32 -37.91 -22.11
N ALA D 65 14.47 -36.94 -22.44
CA ALA D 65 14.93 -35.58 -22.72
C ALA D 65 15.51 -34.91 -21.48
N PHE D 66 14.86 -35.13 -20.34
CA PHE D 66 15.31 -34.55 -19.08
C PHE D 66 16.68 -35.11 -18.71
N GLU D 67 16.86 -36.42 -18.83
CA GLU D 67 18.12 -37.08 -18.50
C GLU D 67 19.25 -36.64 -19.42
N ALA D 68 18.94 -36.41 -20.70
CA ALA D 68 19.92 -35.87 -21.64
C ALA D 68 20.43 -34.51 -21.16
N LEU D 69 19.51 -33.67 -20.68
CA LEU D 69 19.84 -32.34 -20.16
C LEU D 69 20.65 -32.39 -18.86
N ILE D 70 20.36 -33.35 -17.99
CA ILE D 70 21.17 -33.59 -16.82
C ILE D 70 22.62 -33.86 -17.25
N LYS D 71 22.78 -34.78 -18.19
CA LYS D 71 24.12 -35.14 -18.68
C LYS D 71 24.83 -33.97 -19.38
N ASP D 72 24.07 -33.11 -20.06
CA ASP D 72 24.60 -31.89 -20.69
C ASP D 72 24.90 -30.78 -19.69
N ASP D 73 24.68 -31.03 -18.40
CA ASP D 73 24.87 -30.02 -17.35
C ASP D 73 24.06 -28.74 -17.53
N GLN D 74 22.80 -28.91 -17.92
CA GLN D 74 21.96 -27.77 -18.25
C GLN D 74 20.96 -27.41 -17.15
N PHE D 75 21.19 -27.89 -15.92
CA PHE D 75 20.34 -27.54 -14.78
C PHE D 75 21.13 -26.90 -13.67
N ILE D 76 20.65 -25.78 -13.14
CA ILE D 76 21.17 -25.25 -11.89
C ILE D 76 20.91 -26.25 -10.76
N GLU D 77 19.71 -26.82 -10.79
CA GLU D 77 19.34 -27.85 -9.85
C GLU D 77 18.29 -28.72 -10.52
N TYR D 78 18.19 -29.96 -10.07
CA TYR D 78 17.08 -30.84 -10.44
C TYR D 78 16.85 -31.84 -9.32
N ALA D 79 15.63 -32.37 -9.27
CA ALA D 79 15.25 -33.33 -8.25
C ALA D 79 14.22 -34.27 -8.80
N GLU D 80 14.11 -35.42 -8.16
CA GLU D 80 12.99 -36.32 -8.38
C GLU D 80 12.03 -36.10 -7.23
N TYR D 81 10.82 -35.67 -7.55
CA TYR D 81 9.80 -35.44 -6.55
C TYR D 81 8.62 -36.35 -6.86
N VAL D 82 8.30 -37.24 -5.92
CA VAL D 82 7.32 -38.30 -6.13
C VAL D 82 7.49 -38.94 -7.52
N GLY D 83 8.72 -39.38 -7.79
CA GLY D 83 9.03 -40.14 -9.01
C GLY D 83 9.24 -39.37 -10.30
N ASN D 84 8.87 -38.08 -10.35
CA ASN D 84 9.01 -37.30 -11.59
C ASN D 84 10.12 -36.28 -11.45
N TYR D 85 10.80 -35.98 -12.56
CA TYR D 85 11.85 -34.99 -12.53
C TYR D 85 11.28 -33.58 -12.56
N TYR D 86 11.97 -32.69 -11.85
CA TYR D 86 11.74 -31.24 -11.92
C TYR D 86 13.11 -30.55 -11.90
N GLY D 87 13.28 -29.47 -12.65
CA GLY D 87 14.56 -28.75 -12.58
C GLY D 87 14.53 -27.38 -13.22
N THR D 88 15.55 -26.61 -12.87
CA THR D 88 15.70 -25.22 -13.28
C THR D 88 16.73 -25.10 -14.41
N PRO D 89 16.28 -24.77 -15.62
CA PRO D 89 17.23 -24.59 -16.74
C PRO D 89 18.26 -23.50 -16.43
N VAL D 90 19.52 -23.77 -16.75
CA VAL D 90 20.60 -22.86 -16.38
C VAL D 90 20.61 -21.57 -17.21
N GLN D 91 20.35 -21.67 -18.51
CA GLN D 91 20.61 -20.55 -19.42
C GLN D 91 19.75 -19.33 -19.11
N TYR D 92 18.45 -19.55 -18.95
CA TYR D 92 17.52 -18.48 -18.67
C TYR D 92 17.92 -17.72 -17.41
N VAL D 93 18.31 -18.45 -16.37
CA VAL D 93 18.66 -17.83 -15.10
C VAL D 93 19.91 -16.95 -15.26
N LYS D 94 20.95 -17.53 -15.86
CA LYS D 94 22.23 -16.83 -16.08
C LYS D 94 22.03 -15.55 -16.89
N ASP D 95 21.33 -15.68 -18.02
CA ASP D 95 21.09 -14.56 -18.93
C ASP D 95 20.28 -13.46 -18.29
N THR D 96 19.19 -13.83 -17.63
CA THR D 96 18.28 -12.87 -17.02
C THR D 96 18.98 -12.09 -15.88
N MET D 97 19.74 -12.79 -15.03
CA MET D 97 20.53 -12.13 -13.98
C MET D 97 21.59 -11.20 -14.57
N ASP D 98 22.22 -11.62 -15.67
CA ASP D 98 23.23 -10.79 -16.34
C ASP D 98 22.64 -9.53 -16.97
N GLU D 99 21.37 -9.60 -17.35
CA GLU D 99 20.66 -8.43 -17.86
C GLU D 99 20.19 -7.49 -16.76
N GLY D 100 20.40 -7.88 -15.51
CA GLY D 100 20.14 -7.03 -14.35
C GLY D 100 18.78 -7.23 -13.70
N HIS D 101 18.04 -8.26 -14.16
CA HIS D 101 16.71 -8.55 -13.64
C HIS D 101 16.81 -9.61 -12.56
N ASP D 102 16.00 -9.46 -11.51
CA ASP D 102 15.89 -10.48 -10.49
C ASP D 102 15.16 -11.69 -11.08
N VAL D 103 15.60 -12.89 -10.71
CA VAL D 103 15.03 -14.16 -11.20
C VAL D 103 14.50 -14.92 -9.98
N PHE D 104 13.30 -15.49 -10.12
CA PHE D 104 12.57 -16.11 -9.04
C PHE D 104 12.40 -17.62 -9.32
N LEU D 105 12.83 -18.44 -8.36
CA LEU D 105 12.66 -19.89 -8.42
C LEU D 105 11.65 -20.32 -7.38
N GLU D 106 10.73 -21.19 -7.78
CA GLU D 106 9.81 -21.84 -6.85
C GLU D 106 10.06 -23.33 -6.96
N ILE D 107 10.73 -23.88 -5.96
CA ILE D 107 11.21 -25.26 -6.04
C ILE D 107 11.07 -25.97 -4.69
N GLU D 108 11.18 -27.30 -4.72
CA GLU D 108 11.14 -28.08 -3.48
C GLU D 108 12.52 -28.10 -2.77
N VAL D 109 12.55 -28.64 -1.57
CA VAL D 109 13.69 -28.42 -0.68
C VAL D 109 15.02 -29.06 -1.11
N GLU D 110 14.97 -30.21 -1.79
CA GLU D 110 16.21 -30.83 -2.23
C GLU D 110 16.88 -29.97 -3.31
N GLY D 111 16.08 -29.45 -4.24
CA GLY D 111 16.60 -28.52 -5.24
C GLY D 111 17.20 -27.26 -4.64
N ALA D 112 16.54 -26.73 -3.62
CA ALA D 112 17.03 -25.52 -2.94
C ALA D 112 18.44 -25.72 -2.37
N LYS D 113 18.72 -26.91 -1.85
CA LYS D 113 20.06 -27.22 -1.34
C LYS D 113 21.12 -27.12 -2.44
N GLN D 114 20.80 -27.59 -3.64
CA GLN D 114 21.72 -27.52 -4.76
C GLN D 114 21.96 -26.08 -5.18
N VAL D 115 20.90 -25.27 -5.18
CA VAL D 115 21.06 -23.85 -5.52
C VAL D 115 22.01 -23.17 -4.54
N ARG D 116 21.85 -23.46 -3.25
CA ARG D 116 22.70 -22.84 -2.21
C ARG D 116 24.18 -23.17 -2.44
N LYS D 117 24.47 -24.39 -2.89
CA LYS D 117 25.87 -24.79 -3.19
C LYS D 117 26.49 -23.98 -4.32
N LYS D 118 25.72 -23.75 -5.38
CA LYS D 118 26.18 -23.00 -6.56
C LYS D 118 26.05 -21.49 -6.40
N PHE D 119 25.07 -21.04 -5.63
CA PHE D 119 24.78 -19.62 -5.43
C PHE D 119 24.70 -19.34 -3.92
N PRO D 120 25.84 -19.35 -3.23
CA PRO D 120 25.83 -19.21 -1.77
C PRO D 120 25.20 -17.91 -1.24
N ASP D 121 25.20 -16.86 -2.06
CA ASP D 121 24.68 -15.55 -1.65
C ASP D 121 23.29 -15.25 -2.25
N ALA D 122 22.63 -16.25 -2.82
CA ALA D 122 21.26 -16.09 -3.29
C ALA D 122 20.35 -15.87 -2.08
N LEU D 123 19.14 -15.38 -2.37
CA LEU D 123 18.15 -15.09 -1.36
C LEU D 123 17.21 -16.27 -1.18
N PHE D 124 17.26 -16.91 -0.02
CA PHE D 124 16.48 -18.12 0.27
C PHE D 124 15.35 -17.83 1.24
N ILE D 125 14.13 -17.98 0.75
CA ILE D 125 12.94 -17.71 1.54
C ILE D 125 12.16 -19.01 1.79
N PHE D 126 11.97 -19.33 3.07
CA PHE D 126 11.28 -20.53 3.51
C PHE D 126 9.82 -20.19 3.77
N LEU D 127 8.94 -20.87 3.03
CA LEU D 127 7.50 -20.68 3.22
C LEU D 127 7.01 -21.71 4.24
N ALA D 128 6.47 -21.21 5.35
CA ALA D 128 6.07 -22.04 6.48
C ALA D 128 4.56 -22.14 6.61
N PRO D 129 4.05 -23.29 7.10
CA PRO D 129 2.61 -23.45 7.27
C PRO D 129 2.09 -22.75 8.52
N PRO D 130 0.83 -22.26 8.49
CA PRO D 130 0.24 -21.65 9.70
C PRO D 130 0.17 -22.60 10.89
N SER D 131 0.05 -23.90 10.61
CA SER D 131 0.04 -24.92 11.67
C SER D 131 1.25 -24.77 12.60
N LEU D 132 2.42 -24.48 12.00
CA LEU D 132 3.65 -24.25 12.75
C LEU D 132 3.50 -23.02 13.64
N GLU D 133 2.96 -21.95 13.07
CA GLU D 133 2.69 -20.71 13.80
C GLU D 133 1.61 -20.93 14.87
N HIS D 134 0.61 -21.76 14.56
CA HIS D 134 -0.51 -22.04 15.47
C HIS D 134 -0.17 -23.04 16.59
N LEU D 135 0.90 -23.80 16.44
CA LEU D 135 1.19 -24.96 17.30
C LEU D 135 0.79 -24.76 18.77
N ILE D 150 -1.65 -33.91 16.87
CA ILE D 150 -1.87 -34.26 18.28
C ILE D 150 -0.55 -34.43 19.04
N GLN D 151 0.29 -35.32 18.53
CA GLN D 151 1.56 -35.68 19.16
C GLN D 151 2.68 -35.61 18.12
N SER D 152 2.43 -36.18 16.95
CA SER D 152 3.31 -36.02 15.79
C SER D 152 3.38 -34.59 15.25
N ARG D 153 2.44 -33.74 15.68
CA ARG D 153 2.52 -32.30 15.45
C ARG D 153 3.87 -31.74 15.86
N ILE D 154 4.35 -32.17 17.03
CA ILE D 154 5.65 -31.74 17.54
C ILE D 154 6.78 -32.31 16.69
N ASN D 155 6.62 -33.55 16.24
CA ASN D 155 7.62 -34.20 15.38
C ASN D 155 7.75 -33.47 14.03
N GLU D 156 6.61 -33.17 13.43
CA GLU D 156 6.57 -32.48 12.15
C GLU D 156 7.03 -31.03 12.29
N ALA D 157 6.57 -30.36 13.34
CA ALA D 157 7.04 -29.01 13.64
C ALA D 157 8.56 -29.00 13.79
N ARG D 158 9.10 -29.94 14.57
CA ARG D 158 10.56 -30.06 14.70
C ARG D 158 11.23 -30.35 13.35
N LYS D 159 10.59 -31.18 12.54
CA LYS D 159 11.07 -31.46 11.18
C LYS D 159 11.13 -30.17 10.35
N GLU D 160 10.01 -29.46 10.34
CA GLU D 160 9.89 -28.19 9.60
C GLU D 160 10.92 -27.17 10.08
N VAL D 161 11.14 -27.08 11.39
CA VAL D 161 12.14 -26.17 11.95
C VAL D 161 13.55 -26.56 11.56
N GLU D 162 13.82 -27.86 11.44
CA GLU D 162 15.12 -28.34 10.97
C GLU D 162 15.35 -27.99 9.50
N MET D 163 14.30 -28.04 8.68
CA MET D 163 14.38 -27.75 7.25
C MET D 163 14.72 -26.29 6.95
N MET D 164 14.33 -25.38 7.83
CA MET D 164 14.59 -23.93 7.60
C MET D 164 16.03 -23.52 7.90
N ASN D 165 16.82 -24.46 8.43
CA ASN D 165 18.25 -24.27 8.60
C ASN D 165 18.89 -23.73 7.32
N LEU D 166 19.69 -22.69 7.46
CA LEU D 166 20.38 -22.05 6.36
C LEU D 166 19.47 -21.34 5.32
N TYR D 167 18.17 -21.19 5.60
CA TYR D 167 17.34 -20.23 4.86
C TYR D 167 17.62 -18.83 5.39
N ASP D 168 17.35 -17.81 4.58
CA ASP D 168 17.61 -16.43 4.97
C ASP D 168 16.41 -15.78 5.66
N TYR D 169 15.21 -16.12 5.20
CA TYR D 169 13.96 -15.59 5.75
C TYR D 169 12.91 -16.67 5.86
N VAL D 170 11.94 -16.46 6.74
CA VAL D 170 10.81 -17.36 6.91
C VAL D 170 9.54 -16.52 6.82
N VAL D 171 8.65 -16.92 5.92
CA VAL D 171 7.38 -16.28 5.67
C VAL D 171 6.27 -17.29 5.87
N VAL D 172 5.29 -16.96 6.70
CA VAL D 172 4.18 -17.85 6.96
C VAL D 172 3.12 -17.69 5.87
N ASN D 173 2.63 -18.80 5.34
CA ASN D 173 1.55 -18.75 4.37
C ASN D 173 0.19 -18.75 5.08
N ASP D 174 -0.08 -17.67 5.81
CA ASP D 174 -1.39 -17.50 6.49
C ASP D 174 -2.47 -17.14 5.48
N GLU D 175 -2.15 -16.17 4.61
CA GLU D 175 -2.99 -15.80 3.48
C GLU D 175 -2.07 -15.46 2.31
N VAL D 176 -2.49 -15.82 1.11
CA VAL D 176 -1.61 -15.69 -0.06
C VAL D 176 -1.18 -14.25 -0.30
N GLU D 177 -2.11 -13.31 -0.21
CA GLU D 177 -1.77 -11.89 -0.39
C GLU D 177 -0.76 -11.40 0.65
N LEU D 178 -0.90 -11.86 1.88
CA LEU D 178 0.00 -11.44 2.95
C LEU D 178 1.41 -12.02 2.74
N ALA D 179 1.46 -13.30 2.35
CA ALA D 179 2.75 -13.94 2.03
C ALA D 179 3.43 -13.26 0.86
N LYS D 180 2.67 -13.00 -0.20
CA LYS D 180 3.17 -12.26 -1.35
C LYS D 180 3.78 -10.92 -0.93
N ASN D 181 3.04 -10.14 -0.13
CA ASN D 181 3.56 -8.82 0.28
C ASN D 181 4.84 -8.90 1.13
N ARG D 182 4.92 -9.89 2.01
CA ARG D 182 6.12 -10.12 2.81
C ARG D 182 7.33 -10.41 1.92
N ILE D 183 7.13 -11.26 0.92
CA ILE D 183 8.19 -11.60 0.01
C ILE D 183 8.67 -10.38 -0.77
N GLN D 184 7.71 -9.59 -1.23
CA GLN D 184 8.02 -8.37 -1.97
C GLN D 184 8.87 -7.43 -1.12
N CYS D 185 8.51 -7.24 0.16
N CYS D 185 8.53 -7.31 0.15
CA CYS D 185 9.31 -6.45 1.12
CA CYS D 185 9.28 -6.48 1.04
C CYS D 185 10.72 -7.01 1.31
C CYS D 185 10.70 -7.01 1.34
N ILE D 186 10.84 -8.33 1.46
CA ILE D 186 12.15 -8.95 1.65
C ILE D 186 13.08 -8.63 0.48
N VAL D 187 12.55 -8.74 -0.74
CA VAL D 187 13.36 -8.48 -1.92
C VAL D 187 13.73 -6.99 -1.99
N GLU D 188 12.77 -6.12 -1.70
CA GLU D 188 13.02 -4.67 -1.63
C GLU D 188 14.13 -4.37 -0.61
N ALA D 189 14.06 -4.97 0.58
CA ALA D 189 15.07 -4.75 1.61
C ALA D 189 16.45 -5.21 1.14
N GLU D 190 16.51 -6.35 0.46
CA GLU D 190 17.76 -6.86 -0.03
C GLU D 190 18.42 -5.91 -1.05
N HIS D 191 17.62 -5.21 -1.84
CA HIS D 191 18.14 -4.20 -2.77
C HIS D 191 18.65 -2.96 -2.06
N LEU D 192 18.21 -2.76 -0.82
CA LEU D 192 18.67 -1.63 0.01
C LEU D 192 19.88 -1.97 0.88
N LYS D 193 20.36 -3.20 0.83
CA LYS D 193 21.51 -3.61 1.64
C LYS D 193 22.71 -2.74 1.31
N ARG D 194 23.44 -2.35 2.35
CA ARG D 194 24.51 -1.36 2.21
C ARG D 194 25.62 -1.86 1.27
N GLU D 195 25.98 -3.13 1.42
CA GLU D 195 27.00 -3.78 0.58
C GLU D 195 26.73 -3.55 -0.90
N ARG D 196 25.49 -3.80 -1.29
CA ARG D 196 25.05 -3.65 -2.67
C ARG D 196 25.03 -2.18 -3.08
N VAL D 197 24.49 -1.33 -2.21
CA VAL D 197 24.35 0.10 -2.51
C VAL D 197 25.71 0.79 -2.53
N GLU D 198 26.65 0.29 -1.74
CA GLU D 198 28.01 0.83 -1.72
C GLU D 198 28.69 0.65 -3.08
N ALA D 199 28.50 -0.52 -3.70
CA ALA D 199 29.05 -0.79 -5.03
C ALA D 199 28.50 0.19 -6.07
N LYS D 200 27.17 0.32 -6.12
CA LYS D 200 26.51 1.27 -7.01
C LYS D 200 27.12 2.67 -6.91
N TYR D 201 27.36 3.11 -5.67
CA TYR D 201 27.91 4.45 -5.40
C TYR D 201 29.39 4.55 -5.78
N ARG D 202 30.17 3.51 -5.47
CA ARG D 202 31.60 3.47 -5.82
C ARG D 202 31.85 3.68 -7.32
N LYS D 203 31.00 3.11 -8.16
CA LYS D 203 31.07 3.30 -9.60
C LYS D 203 30.70 4.74 -9.98
S SO4 E . 1.91 22.53 -14.11
O1 SO4 E . 1.72 23.76 -14.91
O2 SO4 E . 2.99 22.73 -13.13
O3 SO4 E . 2.22 21.37 -14.98
O4 SO4 E . 0.65 22.30 -13.35
MG MG F . -23.62 -14.79 7.81
K K G . -23.07 -5.04 12.91
PD 0O2 H . -22.12 -12.42 6.25
O1D 0O2 H . -20.94 -12.18 7.14
O2D 0O2 H . -22.53 -13.89 6.20
O3D 0O2 H . -21.88 -11.90 4.85
PG 0O2 H . -23.89 -17.02 10.32
O1G 0O2 H . -24.76 -17.52 11.43
O2G 0O2 H . -23.35 -18.22 9.55
O3G 0O2 H . -24.72 -16.16 9.38
PB 0O2 H . -22.65 -14.64 11.17
O1B 0O2 H . -22.96 -13.97 9.84
O2B 0O2 H . -21.30 -14.22 11.71
O3B 0O2 H . -22.66 -16.21 10.92
O3A 0O2 H . -23.79 -14.31 12.23
PA 0O2 H . -24.26 -12.96 12.94
O1A 0O2 H . -23.18 -12.31 13.76
O2A 0O2 H . -25.38 -13.48 13.79
O5' 0O2 H . -24.84 -11.87 11.95
C5' 0O2 H . -25.84 -12.30 11.06
C4' 0O2 H . -26.18 -11.25 10.06
O4' 0O2 H . -26.77 -10.10 10.82
C3' 0O2 H . -25.02 -10.73 9.31
O3' 0O2 H . -25.41 -10.80 7.90
C2' 0O2 H . -24.82 -9.34 9.72
O2' 0O2 H . -24.32 -8.46 8.69
C1' 0O2 H . -26.16 -8.90 10.16
N9 0O2 H . -26.16 -7.83 11.07
C8 0O2 H . -25.33 -7.61 12.10
N7 0O2 H . -25.65 -6.48 12.72
C5 0O2 H . -26.70 -5.92 12.10
C6 0O2 H . -27.47 -4.76 12.27
O6 0O2 H . -27.26 -3.93 13.15
N1 0O2 H . -28.48 -4.54 11.44
C2 0O2 H . -28.78 -5.38 10.45
N2 0O2 H . -29.85 -5.06 9.59
N3 0O2 H . -28.06 -6.50 10.24
C4 0O2 H . -27.03 -6.79 11.05
PC 0O2 H . -24.87 -12.03 7.02
O1C 0O2 H . -25.59 -11.96 5.74
O2C 0O2 H . -25.01 -13.31 7.79
O3C 0O2 H . -23.34 -11.60 6.86
MG MG I . 19.89 19.01 11.36
K K J . 16.61 11.62 18.82
S SO4 K . 21.83 26.84 21.85
O1 SO4 K . 21.24 26.05 22.96
O2 SO4 K . 22.27 28.15 22.35
O3 SO4 K . 22.96 26.14 21.22
O4 SO4 K . 20.76 26.99 20.82
PD 0O2 L . 19.15 16.03 10.22
O1D 0O2 L . 17.73 15.97 10.60
O2D 0O2 L . 19.57 17.42 9.77
O3D 0O2 L . 19.52 15.01 9.17
PG 0O2 L . 19.05 22.16 13.03
O1G 0O2 L . 19.40 23.31 13.95
O2G 0O2 L . 19.05 22.65 11.60
O3G 0O2 L . 20.10 21.08 13.19
PB 0O2 L . 17.32 20.21 14.07
O1B 0O2 L . 17.81 19.14 13.13
O2B 0O2 L . 15.86 20.08 14.45
O3B 0O2 L . 17.59 21.63 13.38
O3A 0O2 L . 18.24 20.18 15.34
PA 0O2 L . 18.18 19.21 16.60
O1A 0O2 L . 16.79 18.80 17.01
O2A 0O2 L . 18.84 20.13 17.59
O5' 0O2 L . 19.05 17.91 16.35
C5' 0O2 L . 20.35 18.10 15.84
C4' 0O2 L . 21.02 16.80 15.60
O4' 0O2 L . 21.14 16.05 16.90
C3' 0O2 L . 20.32 15.92 14.65
O3' 0O2 L . 21.31 15.58 13.63
C2' 0O2 L . 19.89 14.75 15.42
O2' 0O2 L . 19.80 13.51 14.65
C1' 0O2 L . 20.87 14.64 16.53
N9 0O2 L . 20.40 13.94 17.66
C8 0O2 L . 19.19 14.02 18.25
N7 0O2 L . 19.11 13.20 19.31
C5 0O2 L . 20.29 12.58 19.44
C6 0O2 L . 20.83 11.65 20.33
O6 0O2 L . 20.18 11.17 21.26
N1 0O2 L . 22.09 11.25 20.16
C2 0O2 L . 22.86 11.71 19.16
N2 0O2 L . 24.19 11.27 18.98
N3 0O2 L . 22.38 12.61 18.27
C4 0O2 L . 21.11 13.05 18.40
PC 0O2 L . 21.24 16.31 12.21
O1C 0O2 L . 22.47 15.87 11.51
O2C 0O2 L . 21.08 17.80 12.28
O3C 0O2 L . 19.95 15.64 11.56
MG MG M . 2.85 -29.75 -3.57
K K N . 9.01 -23.98 -10.58
C1 EDO O . 8.20 -40.13 -2.31
O1 EDO O . 9.09 -40.44 -3.40
C2 EDO O . 6.91 -40.94 -2.38
O2 EDO O . 6.08 -40.69 -1.23
C1 EDO P . 18.63 -24.21 0.92
O1 EDO P . 18.76 -25.45 1.62
C2 EDO P . 18.88 -23.06 1.88
O2 EDO P . 20.30 -22.90 2.10
C1 EDO Q . 2.56 -37.49 -12.39
O1 EDO Q . 2.34 -38.11 -11.18
C2 EDO Q . 1.38 -36.63 -12.72
O2 EDO Q . 1.32 -36.54 -14.11
PD 0O2 R . 3.77 -26.78 -2.70
O1D 0O2 R . 3.15 -25.92 -3.77
O2D 0O2 R . 2.93 -28.00 -2.39
O3D 0O2 R . 4.10 -25.97 -1.46
PG 0O2 R . 1.59 -32.04 -5.14
O1G 0O2 R . 1.68 -33.31 -5.95
O2G 0O2 R . 0.59 -32.25 -4.02
O3G 0O2 R . 2.94 -31.74 -4.54
PB 0O2 R . 1.85 -29.50 -6.46
O1B 0O2 R . 2.91 -29.16 -5.44
O2B 0O2 R . 0.82 -28.40 -6.49
O3B 0O2 R . 1.09 -30.84 -6.07
O3A 0O2 R . 2.33 -29.74 -7.96
PA 0O2 R . 3.66 -29.70 -8.84
O1A 0O2 R . 3.45 -28.62 -9.86
O2A 0O2 R . 3.72 -31.06 -9.49
O5' 0O2 R . 5.00 -29.44 -8.06
C5' 0O2 R . 5.46 -30.37 -7.10
C4' 0O2 R . 6.67 -29.85 -6.45
O4' 0O2 R . 7.75 -29.68 -7.47
C3' 0O2 R . 6.46 -28.52 -5.83
O3' 0O2 R . 6.93 -28.60 -4.45
C2' 0O2 R . 7.25 -27.58 -6.60
O2' 0O2 R . 7.74 -26.43 -5.83
C1' 0O2 R . 8.38 -28.40 -7.10
N9 0O2 R . 9.05 -27.87 -8.21
C8 0O2 R . 8.52 -27.23 -9.26
N7 0O2 R . 9.50 -26.87 -10.10
C5 0O2 R . 10.68 -27.30 -9.61
C6 0O2 R . 12.02 -27.24 -10.03
O6 0O2 R . 12.38 -26.67 -11.06
N1 0O2 R . 12.96 -27.82 -9.27
C2 0O2 R . 12.65 -28.42 -8.12
N2 0O2 R . 13.66 -29.00 -7.33
N3 0O2 R . 11.38 -28.50 -7.69
C4 0O2 R . 10.39 -27.95 -8.41
PC 0O2 R . 5.88 -28.69 -3.27
O1C 0O2 R . 6.73 -28.82 -2.06
O2C 0O2 R . 4.91 -29.78 -3.53
O3C 0O2 R . 5.15 -27.27 -3.33
#